data_6T9F
#
_entry.id   6T9F
#
_cell.length_a   47.358
_cell.length_b   77.391
_cell.length_c   90.923
_cell.angle_alpha   81.807
_cell.angle_beta   76.690
_cell.angle_gamma   75.864
#
_symmetry.space_group_name_H-M   'P 1'
#
loop_
_entity.id
_entity.type
_entity.pdbx_description
1 polymer Endoglucanase
2 branched 2-acetamido-2-deoxy-beta-D-glucopyranose-(1-4)-2-acetamido-2-deoxy-beta-D-glucopyranose
3 non-polymer 2-acetamido-2-deoxy-beta-D-glucopyranose
4 water water
#
_entity_poly.entity_id   1
_entity_poly.type   'polypeptide(L)'
_entity_poly.pdbx_seq_one_letter_code
;ANSKEVKKRASSFEWFGSNESGAEFGSGNIPGVEGTDYTFPNTTAIQILIDAGMNIFRVPFLMERMIPTEMTGSLDTAYF
EGYSEVINYITGKGAHAVVDPHNFGRYYGTPISSTSDFQTFWSTLASQFKSNDLVIFDTNNEYHDMDESVVVALNQAAID
GIRDAGATTQYIFVEGNAYSGAWTWTTYNTAMVNLTDPSDLIVYEMHQYLDSDGSGTSDQCVSSTVGQERVVDATTWLQS
NGKLGILGEFAGGANSVCEEAVEGMLDYLAENSDVWLGASWWSAGPWWQDYIYSMEPPNGIAYESYLPILETYF
;
_entity_poly.pdbx_strand_id   A,B,C,D
#
loop_
_chem_comp.id
_chem_comp.type
_chem_comp.name
_chem_comp.formula
NAG D-saccharide, beta linking 2-acetamido-2-deoxy-beta-D-glucopyranose 'C8 H15 N O6'
#
# COMPACT_ATOMS: atom_id res chain seq x y z
N SER A 11 -12.74 -4.62 1.75
CA SER A 11 -12.71 -5.89 1.01
C SER A 11 -13.99 -6.13 0.25
N SER A 12 -13.95 -7.15 -0.60
CA SER A 12 -15.15 -7.64 -1.27
C SER A 12 -15.69 -8.91 -0.63
N PHE A 13 -14.81 -9.71 -0.04
CA PHE A 13 -15.15 -11.03 0.46
C PHE A 13 -14.79 -11.15 1.93
N GLU A 14 -15.40 -12.14 2.63
CA GLU A 14 -14.92 -12.45 3.98
C GLU A 14 -13.58 -13.15 3.92
N TRP A 15 -13.37 -13.99 2.92
CA TRP A 15 -12.14 -14.73 2.78
C TRP A 15 -11.53 -14.44 1.41
N PHE A 16 -10.21 -14.60 1.33
CA PHE A 16 -9.53 -14.75 0.05
C PHE A 16 -8.13 -15.26 0.29
N GLY A 17 -7.77 -16.37 -0.36
CA GLY A 17 -6.50 -17.00 -0.07
C GLY A 17 -6.07 -17.90 -1.15
N SER A 18 -5.27 -18.89 -0.78
CA SER A 18 -4.68 -19.81 -1.74
C SER A 18 -4.62 -21.21 -1.14
N ASN A 19 -4.66 -22.21 -2.02
CA ASN A 19 -4.27 -23.56 -1.62
C ASN A 19 -2.76 -23.63 -1.47
N GLU A 20 -2.32 -24.49 -0.57
CA GLU A 20 -0.89 -24.68 -0.30
C GLU A 20 -0.58 -26.17 -0.45
N SER A 21 -0.20 -26.56 -1.67
CA SER A 21 -0.05 -27.97 -2.00
C SER A 21 1.35 -28.47 -1.68
N GLY A 22 1.45 -29.78 -1.52
CA GLY A 22 2.72 -30.42 -1.31
C GLY A 22 2.53 -31.71 -0.56
N ALA A 23 1.75 -31.67 0.53
CA ALA A 23 1.63 -32.84 1.38
C ALA A 23 0.75 -33.91 0.76
N GLU A 24 0.11 -33.61 -0.37
CA GLU A 24 -0.73 -34.55 -1.09
C GLU A 24 -0.09 -35.03 -2.39
N PHE A 25 1.09 -34.52 -2.76
CA PHE A 25 1.78 -34.96 -3.96
C PHE A 25 2.22 -36.42 -3.84
N GLY A 26 2.61 -37.00 -4.98
CA GLY A 26 3.13 -38.36 -4.95
C GLY A 26 2.09 -39.39 -4.61
N SER A 27 0.82 -39.03 -4.83
CA SER A 27 -0.37 -39.82 -4.55
C SER A 27 -0.20 -41.28 -4.94
N GLY A 28 0.64 -41.55 -5.95
CA GLY A 28 0.91 -42.91 -6.34
C GLY A 28 1.71 -43.69 -5.33
N ASN A 29 2.26 -43.03 -4.31
CA ASN A 29 3.21 -43.63 -3.38
C ASN A 29 2.73 -43.47 -1.94
N ILE A 30 2.06 -44.48 -1.42
CA ILE A 30 1.54 -44.48 -0.05
C ILE A 30 2.34 -45.47 0.76
N PRO A 31 2.82 -45.10 1.97
CA PRO A 31 2.68 -43.77 2.56
C PRO A 31 3.55 -42.73 1.88
N GLY A 32 4.65 -43.15 1.27
CA GLY A 32 5.60 -42.21 0.71
C GLY A 32 6.52 -41.64 1.78
N VAL A 33 7.47 -40.83 1.31
CA VAL A 33 8.59 -40.34 2.10
C VAL A 33 8.68 -38.84 1.89
N GLU A 34 8.77 -38.08 2.98
CA GLU A 34 8.81 -36.63 2.86
C GLU A 34 10.13 -36.17 2.28
N GLY A 35 10.06 -35.27 1.30
CA GLY A 35 11.21 -34.80 0.58
C GLY A 35 11.51 -35.57 -0.68
N THR A 36 10.76 -36.63 -0.92
CA THR A 36 10.93 -37.37 -2.16
C THR A 36 9.64 -37.43 -2.92
N ASP A 37 8.68 -38.16 -2.38
CA ASP A 37 7.32 -38.19 -2.87
C ASP A 37 6.50 -36.93 -2.62
N TYR A 38 6.69 -36.34 -1.45
CA TYR A 38 5.86 -35.23 -0.99
C TYR A 38 6.63 -34.29 -0.07
N THR A 39 6.03 -33.15 0.20
CA THR A 39 6.64 -32.13 1.01
C THR A 39 5.59 -31.30 1.69
N PHE A 40 5.98 -30.56 2.71
CA PHE A 40 5.08 -29.67 3.37
C PHE A 40 5.24 -28.28 2.85
N PRO A 41 4.20 -27.46 3.01
CA PRO A 41 4.23 -26.06 2.60
C PRO A 41 5.23 -25.22 3.39
N ASN A 42 5.86 -24.27 2.71
CA ASN A 42 6.86 -23.39 3.28
C ASN A 42 6.22 -22.22 4.03
N THR A 43 6.40 -22.20 5.34
CA THR A 43 5.78 -21.20 6.20
C THR A 43 6.23 -19.79 5.84
N THR A 44 7.48 -19.66 5.43
CA THR A 44 7.97 -18.36 4.99
C THR A 44 7.19 -17.87 3.78
N ALA A 45 6.99 -18.76 2.80
CA ALA A 45 6.23 -18.43 1.60
C ALA A 45 4.77 -18.10 1.93
N ILE A 46 4.19 -18.79 2.92
CA ILE A 46 2.83 -18.47 3.37
C ILE A 46 2.80 -17.09 4.00
N GLN A 47 3.81 -16.75 4.80
CA GLN A 47 3.89 -15.41 5.36
C GLN A 47 3.83 -14.35 4.27
N ILE A 48 4.58 -14.53 3.16
CA ILE A 48 4.56 -13.54 2.07
C ILE A 48 3.13 -13.30 1.57
N LEU A 49 2.34 -14.38 1.46
CA LEU A 49 0.95 -14.25 1.00
C LEU A 49 0.06 -13.66 2.10
N ILE A 50 0.33 -13.97 3.37
CA ILE A 50 -0.28 -13.21 4.46
C ILE A 50 0.09 -11.75 4.34
N ASP A 51 1.40 -11.47 4.18
CA ASP A 51 1.86 -10.08 4.02
C ASP A 51 1.11 -9.38 2.90
N ALA A 52 0.75 -10.11 1.84
CA ALA A 52 0.04 -9.52 0.72
C ALA A 52 -1.44 -9.29 1.00
N GLY A 53 -1.99 -9.85 2.06
CA GLY A 53 -3.40 -9.68 2.37
C GLY A 53 -4.26 -10.90 2.22
N MET A 54 -3.68 -12.09 2.15
CA MET A 54 -4.49 -13.31 2.10
C MET A 54 -4.80 -13.79 3.52
N ASN A 55 -6.03 -14.26 3.73
CA ASN A 55 -6.45 -14.59 5.10
C ASN A 55 -7.04 -15.98 5.28
N ILE A 56 -6.99 -16.84 4.27
CA ILE A 56 -7.44 -18.21 4.41
C ILE A 56 -6.51 -19.08 3.58
N PHE A 57 -6.13 -20.25 4.10
CA PHE A 57 -5.24 -21.15 3.39
C PHE A 57 -5.75 -22.59 3.49
N ARG A 58 -6.05 -23.18 2.32
CA ARG A 58 -6.44 -24.58 2.18
C ARG A 58 -5.20 -25.45 1.97
N VAL A 59 -5.00 -26.45 2.83
CA VAL A 59 -3.78 -27.23 2.89
C VAL A 59 -4.13 -28.70 2.62
N PRO A 60 -3.92 -29.19 1.41
CA PRO A 60 -4.26 -30.58 1.12
C PRO A 60 -3.33 -31.56 1.85
N PHE A 61 -3.88 -32.74 2.13
CA PHE A 61 -3.13 -33.87 2.68
C PHE A 61 -3.87 -35.14 2.24
N LEU A 62 -3.17 -36.27 2.26
CA LEU A 62 -3.76 -37.56 1.93
C LEU A 62 -4.32 -38.24 3.17
N MET A 63 -5.53 -38.78 3.06
CA MET A 63 -6.11 -39.53 4.17
C MET A 63 -5.19 -40.68 4.57
N GLU A 64 -4.69 -41.43 3.58
CA GLU A 64 -3.93 -42.65 3.89
C GLU A 64 -2.63 -42.32 4.60
N ARG A 65 -2.07 -41.15 4.35
CA ARG A 65 -0.86 -40.76 5.07
C ARG A 65 -1.15 -40.29 6.50
N MET A 66 -2.33 -39.71 6.75
CA MET A 66 -2.67 -39.16 8.06
C MET A 66 -3.08 -40.25 9.05
N ILE A 67 -3.92 -41.18 8.60
CA ILE A 67 -4.35 -42.34 9.38
C ILE A 67 -4.12 -43.55 8.50
N PRO A 68 -2.96 -44.21 8.61
CA PRO A 68 -2.67 -45.33 7.72
C PRO A 68 -3.59 -46.53 7.94
N THR A 69 -3.57 -47.44 6.95
CA THR A 69 -4.18 -48.76 7.02
C THR A 69 -5.71 -48.75 7.01
N GLU A 70 -6.32 -48.22 8.07
CA GLU A 70 -7.77 -48.13 8.11
C GLU A 70 -8.14 -46.75 8.62
N MET A 71 -9.30 -46.26 8.18
CA MET A 71 -9.65 -44.90 8.51
C MET A 71 -10.26 -44.76 9.88
N THR A 72 -10.49 -45.89 10.57
CA THR A 72 -10.76 -45.93 12.01
C THR A 72 -9.49 -46.02 12.84
N GLY A 73 -8.32 -45.90 12.22
CA GLY A 73 -7.06 -46.19 12.87
C GLY A 73 -6.48 -44.99 13.58
N SER A 74 -5.21 -45.14 13.96
CA SER A 74 -4.50 -44.11 14.70
C SER A 74 -3.80 -43.14 13.74
N LEU A 75 -3.32 -42.04 14.29
CA LEU A 75 -2.65 -41.01 13.51
C LEU A 75 -1.19 -41.37 13.30
N ASP A 76 -0.70 -41.12 12.09
CA ASP A 76 0.73 -41.17 11.85
C ASP A 76 1.34 -39.98 12.56
N THR A 77 2.20 -40.22 13.54
CA THR A 77 2.71 -39.10 14.31
C THR A 77 3.48 -38.13 13.43
N ALA A 78 4.46 -38.67 12.69
CA ALA A 78 5.29 -37.86 11.81
C ALA A 78 4.47 -37.01 10.85
N TYR A 79 3.62 -37.65 10.03
CA TYR A 79 2.86 -36.91 9.02
C TYR A 79 1.95 -35.87 9.67
N PHE A 80 1.34 -36.22 10.81
CA PHE A 80 0.48 -35.24 11.46
C PHE A 80 1.26 -34.07 12.02
N GLU A 81 2.50 -34.28 12.48
CA GLU A 81 3.24 -33.15 13.01
C GLU A 81 3.75 -32.25 11.88
N GLY A 82 4.23 -32.82 10.77
CA GLY A 82 4.52 -32.00 9.60
C GLY A 82 3.32 -31.17 9.18
N TYR A 83 2.13 -31.78 9.22
CA TYR A 83 0.91 -31.12 8.76
C TYR A 83 0.46 -30.04 9.74
N SER A 84 0.43 -30.37 11.04
CA SER A 84 -0.06 -29.42 12.05
C SER A 84 0.84 -28.19 12.16
N GLU A 85 2.14 -28.37 11.97
CA GLU A 85 3.06 -27.26 12.04
C GLU A 85 2.66 -26.17 11.06
N VAL A 86 2.22 -26.54 9.87
CA VAL A 86 1.73 -25.56 8.87
C VAL A 86 0.38 -24.99 9.29
N ILE A 87 -0.54 -25.86 9.73
CA ILE A 87 -1.85 -25.42 10.21
C ILE A 87 -1.70 -24.45 11.38
N ASN A 88 -0.80 -24.75 12.32
CA ASN A 88 -0.66 -23.88 13.47
C ASN A 88 0.08 -22.59 13.10
N TYR A 89 0.89 -22.61 12.03
CA TYR A 89 1.50 -21.37 11.56
C TYR A 89 0.45 -20.45 10.94
N ILE A 90 -0.38 -20.99 10.04
CA ILE A 90 -1.45 -20.19 9.43
C ILE A 90 -2.33 -19.58 10.51
N THR A 91 -2.87 -20.42 11.39
CA THR A 91 -3.82 -19.94 12.40
C THR A 91 -3.13 -19.14 13.51
N GLY A 92 -1.88 -19.48 13.84
CA GLY A 92 -1.11 -18.64 14.76
C GLY A 92 -0.84 -17.25 14.24
N LYS A 93 -0.90 -17.04 12.94
CA LYS A 93 -0.82 -15.69 12.39
C LYS A 93 -2.20 -15.07 12.22
N GLY A 94 -3.23 -15.69 12.75
CA GLY A 94 -4.57 -15.14 12.67
C GLY A 94 -5.30 -15.35 11.36
N ALA A 95 -4.85 -16.28 10.50
CA ALA A 95 -5.61 -16.65 9.31
C ALA A 95 -6.26 -18.01 9.48
N HIS A 96 -7.34 -18.24 8.73
CA HIS A 96 -8.01 -19.53 8.73
C HIS A 96 -7.22 -20.57 7.97
N ALA A 97 -7.21 -21.80 8.47
CA ALA A 97 -6.55 -22.92 7.82
C ALA A 97 -7.60 -23.96 7.48
N VAL A 98 -7.72 -24.30 6.20
CA VAL A 98 -8.69 -25.29 5.76
C VAL A 98 -8.02 -26.67 5.75
N VAL A 99 -8.54 -27.59 6.55
CA VAL A 99 -7.99 -28.94 6.69
C VAL A 99 -8.67 -29.82 5.64
N ASP A 100 -7.89 -30.30 4.65
CA ASP A 100 -8.44 -30.80 3.35
C ASP A 100 -7.91 -32.19 3.04
N PRO A 101 -8.67 -33.28 3.42
CA PRO A 101 -8.26 -34.63 3.00
C PRO A 101 -8.50 -34.78 1.52
N HIS A 102 -7.42 -34.73 0.74
CA HIS A 102 -7.44 -34.50 -0.71
C HIS A 102 -7.59 -35.84 -1.45
N ASN A 103 -8.79 -36.40 -1.38
CA ASN A 103 -8.96 -37.83 -1.62
C ASN A 103 -10.03 -38.23 -2.62
N PHE A 104 -10.85 -37.31 -3.11
CA PHE A 104 -11.82 -37.64 -4.16
C PHE A 104 -12.81 -38.70 -3.67
N GLY A 105 -13.12 -38.70 -2.39
CA GLY A 105 -14.07 -39.65 -1.88
C GLY A 105 -13.60 -41.08 -1.97
N ARG A 106 -12.30 -41.31 -1.97
CA ARG A 106 -11.76 -42.65 -2.04
C ARG A 106 -10.64 -42.79 -1.02
N TYR A 107 -10.48 -44.01 -0.52
CA TYR A 107 -9.45 -44.34 0.46
C TYR A 107 -8.74 -45.60 -0.02
N TYR A 108 -7.42 -45.50 -0.21
CA TYR A 108 -6.63 -46.52 -0.90
C TYR A 108 -7.24 -46.86 -2.27
N GLY A 109 -7.82 -45.85 -2.92
CA GLY A 109 -8.44 -46.02 -4.22
C GLY A 109 -9.84 -46.61 -4.20
N THR A 110 -10.35 -47.00 -3.08
CA THR A 110 -11.72 -47.48 -3.16
C THR A 110 -12.68 -46.38 -2.72
N PRO A 111 -13.75 -46.10 -3.47
CA PRO A 111 -14.73 -45.12 -2.98
C PRO A 111 -15.15 -45.44 -1.55
N ILE A 112 -15.30 -44.40 -0.76
CA ILE A 112 -15.65 -44.55 0.64
C ILE A 112 -17.15 -44.83 0.69
N SER A 113 -17.53 -45.84 1.46
CA SER A 113 -18.93 -46.22 1.51
C SER A 113 -19.38 -46.54 2.94
N SER A 114 -18.57 -46.26 3.95
CA SER A 114 -18.92 -46.50 5.34
C SER A 114 -19.08 -45.12 5.99
N THR A 115 -20.33 -44.70 6.22
CA THR A 115 -20.50 -43.45 6.95
C THR A 115 -19.90 -43.56 8.35
N SER A 116 -20.05 -44.70 9.02
CA SER A 116 -19.51 -44.80 10.37
C SER A 116 -17.99 -44.80 10.36
N ASP A 117 -17.36 -45.34 9.33
CA ASP A 117 -15.90 -45.28 9.33
C ASP A 117 -15.41 -43.88 9.00
N PHE A 118 -16.04 -43.25 8.01
CA PHE A 118 -15.69 -41.88 7.66
C PHE A 118 -15.87 -40.95 8.86
N GLN A 119 -16.90 -41.19 9.68
CA GLN A 119 -17.14 -40.35 10.85
C GLN A 119 -16.09 -40.58 11.93
N THR A 120 -15.65 -41.82 12.07
CA THR A 120 -14.56 -42.14 12.99
C THR A 120 -13.27 -41.46 12.54
N PHE A 121 -13.00 -41.47 11.22
CA PHE A 121 -11.85 -40.75 10.68
C PHE A 121 -11.87 -39.28 11.10
N TRP A 122 -13.05 -38.67 11.02
CA TRP A 122 -13.14 -37.24 11.21
C TRP A 122 -13.08 -36.85 12.69
N SER A 123 -13.65 -37.69 13.55
CA SER A 123 -13.48 -37.51 14.99
C SER A 123 -12.00 -37.50 15.37
N THR A 124 -11.29 -38.56 14.99
CA THR A 124 -9.87 -38.65 15.30
C THR A 124 -9.14 -37.41 14.83
N LEU A 125 -9.36 -37.02 13.58
CA LEU A 125 -8.68 -35.84 13.07
C LEU A 125 -9.17 -34.59 13.78
N ALA A 126 -10.48 -34.35 13.78
CA ALA A 126 -10.96 -33.09 14.34
C ALA A 126 -10.72 -32.96 15.84
N SER A 127 -10.33 -34.04 16.52
CA SER A 127 -10.03 -33.90 17.95
C SER A 127 -8.78 -33.09 18.16
N GLN A 128 -7.78 -33.28 17.30
CA GLN A 128 -6.50 -32.63 17.41
C GLN A 128 -6.57 -31.15 17.09
N PHE A 129 -7.73 -30.66 16.70
CA PHE A 129 -7.89 -29.25 16.34
C PHE A 129 -9.11 -28.65 17.00
N LYS A 130 -9.68 -29.30 18.01
CA LYS A 130 -10.99 -28.90 18.48
C LYS A 130 -11.00 -27.52 19.15
N SER A 131 -9.87 -27.05 19.71
CA SER A 131 -9.77 -25.76 20.39
C SER A 131 -9.20 -24.65 19.52
N ASN A 132 -8.88 -24.92 18.25
CA ASN A 132 -8.39 -23.90 17.31
C ASN A 132 -9.58 -23.44 16.46
N ASP A 133 -10.19 -22.32 16.87
CA ASP A 133 -11.34 -21.78 16.15
C ASP A 133 -10.98 -21.38 14.72
N LEU A 134 -9.70 -21.07 14.45
CA LEU A 134 -9.30 -20.66 13.10
C LEU A 134 -9.20 -21.84 12.12
N VAL A 135 -9.37 -23.07 12.56
CA VAL A 135 -9.34 -24.19 11.64
C VAL A 135 -10.70 -24.33 10.98
N ILE A 136 -10.70 -24.66 9.69
CA ILE A 136 -11.90 -25.04 8.94
C ILE A 136 -11.72 -26.48 8.50
N PHE A 137 -12.79 -27.27 8.55
CA PHE A 137 -12.74 -28.69 8.16
C PHE A 137 -13.45 -28.91 6.82
N ASP A 138 -12.77 -29.63 5.92
CA ASP A 138 -13.20 -29.82 4.54
C ASP A 138 -13.42 -31.33 4.38
N THR A 139 -14.68 -31.75 4.25
CA THR A 139 -15.03 -33.17 4.41
C THR A 139 -14.21 -34.07 3.49
N ASN A 140 -14.07 -33.70 2.22
CA ASN A 140 -13.21 -34.40 1.29
C ASN A 140 -13.10 -33.57 0.01
N ASN A 141 -11.94 -33.66 -0.64
CA ASN A 141 -11.70 -32.93 -1.88
C ASN A 141 -12.33 -33.67 -3.05
N GLU A 142 -13.37 -33.08 -3.65
CA GLU A 142 -13.86 -33.46 -4.97
C GLU A 142 -14.33 -34.92 -5.00
N TYR A 143 -15.46 -35.15 -4.33
CA TYR A 143 -16.17 -36.40 -4.55
C TYR A 143 -16.55 -36.51 -6.03
N HIS A 144 -16.28 -37.67 -6.64
CA HIS A 144 -16.71 -37.85 -8.01
C HIS A 144 -17.05 -39.33 -8.24
N ASP A 145 -17.86 -39.57 -9.27
CA ASP A 145 -18.20 -40.91 -9.75
C ASP A 145 -18.58 -41.84 -8.59
N MET A 146 -19.54 -41.37 -7.79
CA MET A 146 -20.14 -42.10 -6.68
C MET A 146 -21.61 -41.73 -6.66
N ASP A 147 -22.41 -42.52 -5.96
CA ASP A 147 -23.82 -42.21 -5.96
C ASP A 147 -24.07 -40.97 -5.09
N GLU A 148 -25.03 -40.15 -5.51
CA GLU A 148 -25.26 -38.87 -4.83
C GLU A 148 -25.63 -39.08 -3.37
N SER A 149 -26.50 -40.05 -3.08
CA SER A 149 -26.89 -40.29 -1.69
C SER A 149 -25.66 -40.58 -0.84
N VAL A 150 -24.80 -41.51 -1.28
CA VAL A 150 -23.58 -41.83 -0.55
C VAL A 150 -22.73 -40.58 -0.29
N VAL A 151 -22.48 -39.79 -1.35
CA VAL A 151 -21.72 -38.54 -1.17
C VAL A 151 -22.34 -37.66 -0.10
N VAL A 152 -23.66 -37.44 -0.19
CA VAL A 152 -24.34 -36.59 0.80
C VAL A 152 -24.15 -37.16 2.20
N ALA A 153 -24.39 -38.46 2.37
CA ALA A 153 -24.23 -39.07 3.68
C ALA A 153 -22.80 -38.97 4.20
N LEU A 154 -21.80 -39.05 3.31
CA LEU A 154 -20.43 -38.89 3.79
C LEU A 154 -20.21 -37.48 4.35
N ASN A 155 -20.67 -36.46 3.63
CA ASN A 155 -20.59 -35.10 4.16
C ASN A 155 -21.29 -34.98 5.50
N GLN A 156 -22.42 -35.67 5.67
CA GLN A 156 -23.12 -35.63 6.95
C GLN A 156 -22.38 -36.41 8.02
N ALA A 157 -21.69 -37.49 7.62
CA ALA A 157 -20.87 -38.25 8.54
C ALA A 157 -19.72 -37.40 9.07
N ALA A 158 -19.00 -36.73 8.18
CA ALA A 158 -17.91 -35.84 8.58
C ALA A 158 -18.40 -34.84 9.60
N ILE A 159 -19.49 -34.13 9.28
CA ILE A 159 -20.07 -33.16 10.21
C ILE A 159 -20.28 -33.80 11.58
N ASP A 160 -20.88 -34.98 11.60
CA ASP A 160 -21.21 -35.64 12.87
C ASP A 160 -19.94 -35.96 13.67
N GLY A 161 -18.93 -36.54 13.01
CA GLY A 161 -17.68 -36.84 13.70
C GLY A 161 -16.93 -35.59 14.15
N ILE A 162 -16.98 -34.52 13.34
CA ILE A 162 -16.33 -33.28 13.74
C ILE A 162 -16.94 -32.76 15.04
N ARG A 163 -18.27 -32.59 15.06
CA ARG A 163 -18.93 -31.98 16.21
C ARG A 163 -18.79 -32.86 17.45
N ASP A 164 -19.14 -34.16 17.33
CA ASP A 164 -19.00 -35.11 18.43
C ASP A 164 -17.58 -35.19 18.98
N ALA A 165 -16.58 -34.84 18.19
CA ALA A 165 -15.25 -34.69 18.74
C ALA A 165 -15.08 -33.37 19.50
N GLY A 166 -16.15 -32.61 19.67
CA GLY A 166 -16.06 -31.33 20.35
C GLY A 166 -15.56 -30.19 19.50
N ALA A 167 -15.27 -30.41 18.22
CA ALA A 167 -14.82 -29.35 17.33
C ALA A 167 -16.07 -28.62 16.86
N THR A 168 -16.54 -27.67 17.67
CA THR A 168 -17.89 -27.14 17.57
C THR A 168 -17.99 -25.69 17.11
N THR A 169 -16.87 -24.97 17.06
CA THR A 169 -16.83 -23.58 16.65
C THR A 169 -16.28 -23.40 15.23
N GLN A 170 -15.71 -24.46 14.67
CA GLN A 170 -15.05 -24.36 13.38
C GLN A 170 -16.09 -24.47 12.26
N TYR A 171 -15.88 -23.70 11.20
CA TYR A 171 -16.63 -23.88 9.96
C TYR A 171 -16.33 -25.25 9.35
N ILE A 172 -17.31 -25.80 8.64
CA ILE A 172 -17.15 -27.06 7.92
C ILE A 172 -17.43 -26.80 6.45
N PHE A 173 -16.43 -26.98 5.59
CA PHE A 173 -16.67 -26.91 4.15
C PHE A 173 -17.12 -28.29 3.68
N VAL A 174 -18.31 -28.35 3.09
CA VAL A 174 -18.82 -29.59 2.51
C VAL A 174 -18.67 -29.50 0.98
N GLU A 175 -18.60 -30.65 0.33
CA GLU A 175 -18.27 -30.70 -1.09
C GLU A 175 -19.21 -31.67 -1.78
N GLY A 176 -19.50 -31.36 -3.05
CA GLY A 176 -20.48 -32.11 -3.81
C GLY A 176 -19.83 -33.19 -4.62
N ASN A 177 -20.67 -33.96 -5.30
CA ASN A 177 -20.26 -34.91 -6.31
C ASN A 177 -19.72 -34.17 -7.53
N ALA A 178 -19.22 -34.89 -8.52
CA ALA A 178 -18.84 -34.30 -9.81
C ALA A 178 -17.74 -33.26 -9.62
N TYR A 179 -16.74 -33.63 -8.82
CA TYR A 179 -15.62 -32.78 -8.45
C TYR A 179 -16.08 -31.48 -7.81
N SER A 180 -17.35 -31.44 -7.39
CA SER A 180 -17.93 -30.32 -6.67
C SER A 180 -17.78 -29.04 -7.49
N GLY A 181 -17.91 -29.18 -8.80
CA GLY A 181 -17.79 -28.03 -9.69
C GLY A 181 -19.01 -27.13 -9.58
N ALA A 182 -18.78 -25.83 -9.74
CA ALA A 182 -19.92 -24.93 -9.62
C ALA A 182 -20.85 -25.07 -10.81
N TRP A 183 -20.30 -25.28 -12.00
CA TRP A 183 -21.09 -25.26 -13.22
C TRP A 183 -22.01 -26.46 -13.36
N THR A 184 -21.71 -27.55 -12.66
CA THR A 184 -22.54 -28.74 -12.68
C THR A 184 -23.33 -28.90 -11.40
N TRP A 185 -23.34 -27.89 -10.53
CA TRP A 185 -23.88 -28.12 -9.19
C TRP A 185 -25.37 -28.44 -9.23
N THR A 186 -26.17 -27.61 -9.91
CA THR A 186 -27.61 -27.86 -9.97
C THR A 186 -27.96 -29.12 -10.75
N THR A 187 -27.00 -29.70 -11.47
CA THR A 187 -27.21 -30.93 -12.22
C THR A 187 -27.02 -32.15 -11.34
N TYR A 188 -26.03 -32.14 -10.45
CA TYR A 188 -25.68 -33.31 -9.69
C TYR A 188 -25.91 -33.19 -8.18
N ASN A 189 -25.94 -31.98 -7.63
CA ASN A 189 -25.73 -31.78 -6.20
C ASN A 189 -26.87 -31.00 -5.58
N THR A 190 -28.08 -31.13 -6.11
CA THR A 190 -29.22 -30.51 -5.45
C THR A 190 -29.58 -31.22 -4.15
N ALA A 191 -29.29 -32.52 -4.03
CA ALA A 191 -29.57 -33.23 -2.76
C ALA A 191 -28.69 -32.79 -1.59
N MET A 192 -27.77 -31.85 -1.79
CA MET A 192 -26.89 -31.39 -0.71
C MET A 192 -27.52 -30.30 0.15
N VAL A 193 -28.73 -29.86 -0.17
CA VAL A 193 -29.50 -29.02 0.76
C VAL A 193 -29.70 -29.76 2.09
N ASN A 194 -29.97 -31.07 2.02
CA ASN A 194 -30.30 -31.86 3.20
C ASN A 194 -29.02 -32.23 3.97
N LEU A 195 -28.29 -31.21 4.40
CA LEU A 195 -27.18 -31.39 5.33
C LEU A 195 -27.43 -30.50 6.55
N THR A 196 -27.27 -31.07 7.73
CA THR A 196 -27.45 -30.28 8.93
C THR A 196 -26.18 -30.27 9.76
N ASP A 197 -26.12 -29.31 10.67
CA ASP A 197 -24.98 -29.08 11.54
C ASP A 197 -25.53 -28.41 12.79
N PRO A 198 -25.35 -29.00 13.97
CA PRO A 198 -25.81 -28.32 15.20
C PRO A 198 -25.28 -26.91 15.33
N SER A 199 -24.01 -26.67 14.98
CA SER A 199 -23.47 -25.32 15.12
C SER A 199 -23.84 -24.40 13.97
N ASP A 200 -24.42 -24.92 12.88
CA ASP A 200 -24.98 -24.09 11.80
C ASP A 200 -23.90 -23.30 11.04
N LEU A 201 -22.73 -23.90 10.83
CA LEU A 201 -21.63 -23.22 10.14
C LEU A 201 -21.22 -23.99 8.89
N ILE A 202 -22.20 -24.56 8.18
CA ILE A 202 -21.92 -25.22 6.93
C ILE A 202 -21.63 -24.14 5.88
N VAL A 203 -20.57 -24.34 5.10
CA VAL A 203 -20.39 -23.58 3.87
C VAL A 203 -20.21 -24.59 2.75
N TYR A 204 -20.88 -24.34 1.62
CA TYR A 204 -20.76 -25.18 0.44
C TYR A 204 -19.55 -24.74 -0.35
N GLU A 205 -18.56 -25.62 -0.47
CA GLU A 205 -17.32 -25.33 -1.18
C GLU A 205 -17.42 -25.88 -2.59
N MET A 206 -17.30 -25.01 -3.57
CA MET A 206 -17.37 -25.39 -4.97
C MET A 206 -16.06 -25.02 -5.63
N HIS A 207 -15.71 -25.80 -6.62
CA HIS A 207 -14.54 -25.55 -7.43
C HIS A 207 -15.00 -25.04 -8.80
N GLN A 208 -14.18 -24.20 -9.43
CA GLN A 208 -14.45 -23.80 -10.80
C GLN A 208 -13.16 -23.50 -11.55
N TYR A 209 -12.92 -24.27 -12.62
CA TYR A 209 -11.89 -23.96 -13.61
C TYR A 209 -12.53 -23.50 -14.90
N LEU A 210 -11.71 -22.95 -15.79
CA LEU A 210 -12.21 -22.20 -16.93
C LEU A 210 -11.77 -22.74 -18.26
N ASP A 211 -11.04 -23.84 -18.27
CA ASP A 211 -10.66 -24.48 -19.51
C ASP A 211 -11.78 -25.41 -19.99
N SER A 212 -11.62 -25.91 -21.22
CA SER A 212 -12.72 -26.53 -21.94
C SER A 212 -13.50 -27.52 -21.07
N ASP A 213 -12.83 -28.58 -20.58
CA ASP A 213 -13.49 -29.57 -19.75
C ASP A 213 -13.65 -29.14 -18.28
N GLY A 214 -13.14 -27.98 -17.89
CA GLY A 214 -13.20 -27.58 -16.49
C GLY A 214 -12.24 -28.30 -15.57
N SER A 215 -11.34 -29.10 -16.13
CA SER A 215 -10.36 -29.86 -15.36
C SER A 215 -9.27 -28.99 -14.77
N GLY A 216 -9.10 -27.76 -15.25
CA GLY A 216 -8.04 -26.90 -14.76
C GLY A 216 -6.67 -27.51 -14.94
N THR A 217 -6.39 -28.00 -16.15
CA THR A 217 -5.06 -28.47 -16.49
C THR A 217 -4.46 -27.69 -17.65
N SER A 218 -5.05 -26.57 -18.04
CA SER A 218 -4.61 -25.83 -19.22
C SER A 218 -4.56 -24.35 -18.90
N ASP A 219 -3.65 -23.65 -19.56
CA ASP A 219 -3.61 -22.22 -19.33
C ASP A 219 -4.48 -21.43 -20.29
N GLN A 220 -5.39 -22.10 -20.98
CA GLN A 220 -6.28 -21.48 -21.96
C GLN A 220 -7.69 -21.50 -21.41
N CYS A 221 -8.37 -20.39 -21.58
CA CYS A 221 -9.77 -20.28 -21.17
C CYS A 221 -10.68 -20.39 -22.40
N VAL A 222 -11.94 -20.79 -22.18
CA VAL A 222 -12.89 -20.91 -23.29
C VAL A 222 -13.28 -19.54 -23.83
N SER A 223 -13.29 -18.52 -22.98
CA SER A 223 -13.76 -17.18 -23.33
C SER A 223 -13.55 -16.28 -22.12
N SER A 224 -13.60 -14.98 -22.37
CA SER A 224 -13.45 -13.99 -21.32
C SER A 224 -14.70 -13.83 -20.44
N THR A 225 -15.78 -14.56 -20.73
CA THR A 225 -16.96 -14.57 -19.87
C THR A 225 -17.27 -15.94 -19.29
N VAL A 226 -16.40 -16.93 -19.50
CA VAL A 226 -16.73 -18.31 -19.12
C VAL A 226 -16.76 -18.48 -17.61
N GLY A 227 -16.01 -17.64 -16.89
CA GLY A 227 -15.99 -17.72 -15.45
C GLY A 227 -17.32 -17.35 -14.84
N GLN A 228 -17.85 -16.17 -15.18
CA GLN A 228 -19.13 -15.80 -14.61
C GLN A 228 -20.24 -16.71 -15.11
N GLU A 229 -20.16 -17.13 -16.39
CA GLU A 229 -21.17 -18.04 -16.95
C GLU A 229 -21.23 -19.36 -16.18
N ARG A 230 -20.12 -19.80 -15.60
CA ARG A 230 -20.05 -21.08 -14.93
C ARG A 230 -20.37 -21.02 -13.44
N VAL A 231 -20.68 -19.84 -12.89
CA VAL A 231 -21.03 -19.75 -11.48
C VAL A 231 -22.40 -19.12 -11.23
N VAL A 232 -23.15 -18.78 -12.30
CA VAL A 232 -24.46 -18.15 -12.11
C VAL A 232 -25.48 -19.15 -11.57
N ASP A 233 -25.57 -20.34 -12.19
CA ASP A 233 -26.53 -21.35 -11.73
C ASP A 233 -26.30 -21.68 -10.27
N ALA A 234 -25.05 -21.92 -9.91
CA ALA A 234 -24.70 -22.28 -8.54
C ALA A 234 -25.06 -21.18 -7.57
N THR A 235 -25.02 -19.91 -8.01
CA THR A 235 -25.31 -18.80 -7.11
C THR A 235 -26.79 -18.70 -6.79
N THR A 236 -27.66 -18.86 -7.79
CA THR A 236 -29.09 -18.85 -7.51
C THR A 236 -29.51 -20.05 -6.66
N TRP A 237 -28.79 -21.18 -6.74
CA TRP A 237 -29.11 -22.29 -5.85
C TRP A 237 -28.84 -21.93 -4.38
N LEU A 238 -27.73 -21.23 -4.12
CA LEU A 238 -27.43 -20.81 -2.76
C LEU A 238 -28.38 -19.72 -2.31
N GLN A 239 -28.64 -18.73 -3.18
CA GLN A 239 -29.60 -17.69 -2.84
C GLN A 239 -30.98 -18.29 -2.58
N SER A 240 -31.42 -19.22 -3.44
CA SER A 240 -32.74 -19.80 -3.30
C SER A 240 -32.86 -20.60 -2.00
N ASN A 241 -31.99 -21.57 -1.79
CA ASN A 241 -32.06 -22.47 -0.64
C ASN A 241 -31.34 -21.93 0.59
N GLY A 242 -30.97 -20.65 0.60
CA GLY A 242 -30.40 -20.00 1.75
C GLY A 242 -29.15 -20.68 2.29
N LYS A 243 -28.17 -20.93 1.43
CA LYS A 243 -26.90 -21.49 1.85
C LYS A 243 -25.77 -20.48 1.62
N LEU A 244 -24.63 -20.78 2.23
CA LEU A 244 -23.39 -20.05 2.01
C LEU A 244 -22.49 -20.87 1.11
N GLY A 245 -21.62 -20.18 0.37
CA GLY A 245 -20.70 -20.84 -0.52
C GLY A 245 -19.31 -20.22 -0.43
N ILE A 246 -18.31 -21.04 -0.75
CA ILE A 246 -16.94 -20.58 -0.91
C ILE A 246 -16.37 -21.29 -2.14
N LEU A 247 -15.67 -20.56 -3.00
CA LEU A 247 -15.09 -21.17 -4.20
C LEU A 247 -13.71 -21.70 -3.82
N GLY A 248 -13.65 -22.97 -3.43
CA GLY A 248 -12.46 -23.49 -2.77
C GLY A 248 -11.25 -23.66 -3.68
N GLU A 249 -11.46 -23.78 -4.99
CA GLU A 249 -10.38 -23.84 -5.96
C GLU A 249 -10.77 -23.07 -7.21
N PHE A 250 -9.84 -22.26 -7.72
CA PHE A 250 -10.04 -21.59 -9.00
C PHE A 250 -8.69 -21.12 -9.53
N ALA A 251 -8.55 -21.12 -10.87
CA ALA A 251 -7.32 -20.68 -11.53
C ALA A 251 -7.58 -20.27 -12.98
N GLY A 252 -6.69 -19.41 -13.49
CA GLY A 252 -6.66 -19.09 -14.90
C GLY A 252 -5.22 -19.05 -15.40
N GLY A 253 -5.05 -19.16 -16.71
CA GLY A 253 -3.72 -19.04 -17.26
C GLY A 253 -3.26 -17.59 -17.29
N ALA A 254 -1.94 -17.40 -17.41
CA ALA A 254 -1.39 -16.04 -17.49
C ALA A 254 -1.55 -15.53 -18.92
N ASN A 255 -2.77 -15.06 -19.19
CA ASN A 255 -3.06 -14.41 -20.45
C ASN A 255 -4.27 -13.53 -20.22
N SER A 256 -4.51 -12.63 -21.16
CA SER A 256 -5.54 -11.62 -20.96
C SER A 256 -6.92 -12.24 -20.88
N VAL A 257 -7.25 -13.15 -21.81
CA VAL A 257 -8.60 -13.69 -21.83
C VAL A 257 -8.94 -14.36 -20.48
N CYS A 258 -8.05 -15.24 -20.00
CA CYS A 258 -8.24 -15.88 -18.69
C CYS A 258 -8.40 -14.87 -17.57
N GLU A 259 -7.47 -13.94 -17.49
CA GLU A 259 -7.55 -12.89 -16.48
C GLU A 259 -8.88 -12.13 -16.51
N GLU A 260 -9.35 -11.82 -17.72
CA GLU A 260 -10.67 -11.20 -17.86
C GLU A 260 -11.77 -12.10 -17.30
N ALA A 261 -11.65 -13.42 -17.50
CA ALA A 261 -12.69 -14.34 -17.07
C ALA A 261 -12.67 -14.53 -15.56
N VAL A 262 -11.48 -14.55 -14.97
CA VAL A 262 -11.37 -14.60 -13.50
C VAL A 262 -11.90 -13.31 -12.90
N GLU A 263 -11.54 -12.17 -13.49
CA GLU A 263 -12.03 -10.89 -12.98
C GLU A 263 -13.55 -10.83 -13.06
N GLY A 264 -14.14 -11.39 -14.13
CA GLY A 264 -15.58 -11.29 -14.31
C GLY A 264 -16.32 -12.23 -13.40
N MET A 265 -15.74 -13.41 -13.16
CA MET A 265 -16.27 -14.34 -12.17
C MET A 265 -16.16 -13.78 -10.76
N LEU A 266 -14.98 -13.28 -10.37
CA LEU A 266 -14.81 -12.73 -9.04
C LEU A 266 -15.71 -11.53 -8.83
N ASP A 267 -15.82 -10.67 -9.84
CA ASP A 267 -16.79 -9.58 -9.84
C ASP A 267 -18.17 -10.08 -9.47
N TYR A 268 -18.66 -11.09 -10.20
CA TYR A 268 -19.99 -11.64 -9.96
C TYR A 268 -20.11 -12.19 -8.55
N LEU A 269 -19.13 -13.00 -8.12
CA LEU A 269 -19.15 -13.49 -6.75
C LEU A 269 -19.16 -12.33 -5.74
N ALA A 270 -18.27 -11.35 -5.90
CA ALA A 270 -18.22 -10.28 -4.91
C ALA A 270 -19.51 -9.47 -4.89
N GLU A 271 -20.19 -9.34 -6.03
CA GLU A 271 -21.48 -8.66 -6.03
C GLU A 271 -22.49 -9.45 -5.22
N ASN A 272 -22.39 -10.78 -5.27
CA ASN A 272 -23.24 -11.64 -4.45
C ASN A 272 -22.56 -12.03 -3.14
N SER A 273 -21.91 -11.07 -2.45
CA SER A 273 -21.22 -11.35 -1.19
C SER A 273 -22.11 -12.10 -0.20
N ASP A 274 -23.43 -11.92 -0.30
CA ASP A 274 -24.43 -12.46 0.60
C ASP A 274 -24.60 -13.97 0.49
N VAL A 275 -23.89 -14.64 -0.39
CA VAL A 275 -23.95 -16.09 -0.45
C VAL A 275 -22.50 -16.56 -0.48
N TRP A 276 -21.67 -15.82 -1.20
CA TRP A 276 -20.30 -16.22 -1.47
C TRP A 276 -19.39 -15.54 -0.47
N LEU A 277 -18.75 -16.35 0.36
CA LEU A 277 -17.90 -15.87 1.43
C LEU A 277 -16.47 -15.63 0.99
N GLY A 278 -16.11 -16.09 -0.19
CA GLY A 278 -14.77 -15.83 -0.69
C GLY A 278 -14.30 -16.99 -1.54
N ALA A 279 -13.03 -16.90 -1.93
CA ALA A 279 -12.42 -17.89 -2.82
C ALA A 279 -11.03 -18.22 -2.34
N SER A 280 -10.45 -19.27 -2.93
CA SER A 280 -9.06 -19.62 -2.70
C SER A 280 -8.43 -20.10 -4.01
N TRP A 281 -7.28 -19.53 -4.34
CA TRP A 281 -6.58 -19.82 -5.58
C TRP A 281 -5.98 -21.21 -5.56
N TRP A 282 -5.90 -21.83 -6.75
CA TRP A 282 -5.20 -23.10 -6.92
C TRP A 282 -4.04 -22.88 -7.88
N SER A 283 -2.80 -22.95 -7.36
CA SER A 283 -2.50 -23.10 -5.94
C SER A 283 -1.08 -22.60 -5.71
N ALA A 284 -0.75 -22.40 -4.43
CA ALA A 284 0.59 -22.10 -3.96
C ALA A 284 1.24 -23.38 -3.44
N GLY A 285 2.47 -23.27 -2.97
CA GLY A 285 3.17 -24.43 -2.47
C GLY A 285 4.56 -24.54 -3.07
N PRO A 286 5.48 -25.22 -2.37
CA PRO A 286 6.90 -25.07 -2.67
C PRO A 286 7.44 -25.98 -3.76
N TRP A 287 6.63 -26.85 -4.35
CA TRP A 287 7.13 -27.80 -5.35
C TRP A 287 6.51 -27.61 -6.73
N TRP A 288 5.82 -26.49 -6.95
CA TRP A 288 5.08 -26.29 -8.20
C TRP A 288 6.00 -25.87 -9.35
N GLN A 289 7.10 -25.20 -9.05
CA GLN A 289 8.05 -24.78 -10.08
C GLN A 289 7.33 -24.11 -11.25
N ASP A 290 7.55 -24.68 -12.43
CA ASP A 290 7.08 -24.21 -13.72
C ASP A 290 5.57 -24.14 -13.84
N TYR A 291 4.83 -24.60 -12.84
CA TYR A 291 3.38 -24.79 -12.93
C TYR A 291 2.64 -23.55 -13.44
N ILE A 292 1.74 -23.75 -14.40
CA ILE A 292 1.00 -22.66 -15.03
C ILE A 292 0.13 -21.86 -14.06
N TYR A 293 -0.16 -22.39 -12.87
CA TYR A 293 -1.03 -21.74 -11.88
C TYR A 293 -0.32 -21.45 -10.57
N SER A 294 1.00 -21.65 -10.48
CA SER A 294 1.70 -21.53 -9.21
C SER A 294 1.62 -20.10 -8.67
N MET A 295 1.06 -19.97 -7.47
CA MET A 295 0.93 -18.74 -6.72
C MET A 295 2.07 -18.60 -5.71
N GLU A 296 3.05 -19.49 -5.76
CA GLU A 296 4.13 -19.52 -4.79
C GLU A 296 5.15 -18.42 -5.05
N PRO A 297 5.44 -17.55 -4.09
CA PRO A 297 6.47 -16.53 -4.27
C PRO A 297 7.85 -17.17 -4.25
N PRO A 298 8.85 -16.53 -4.88
CA PRO A 298 8.77 -15.23 -5.54
C PRO A 298 8.51 -15.33 -7.05
N ASN A 299 8.48 -16.58 -7.54
CA ASN A 299 8.61 -16.85 -8.95
C ASN A 299 7.33 -17.27 -9.64
N GLY A 300 6.40 -17.90 -8.92
CA GLY A 300 5.22 -18.53 -9.49
C GLY A 300 4.50 -17.75 -10.58
N ILE A 301 4.13 -18.45 -11.65
CA ILE A 301 3.54 -17.78 -12.81
C ILE A 301 2.26 -17.05 -12.40
N ALA A 302 1.46 -17.65 -11.51
CA ALA A 302 0.25 -16.95 -11.12
C ALA A 302 0.56 -15.80 -10.20
N TYR A 303 1.60 -15.97 -9.39
CA TYR A 303 2.01 -14.93 -8.47
C TYR A 303 2.28 -13.62 -9.20
N GLU A 304 3.02 -13.68 -10.32
CA GLU A 304 3.34 -12.46 -11.07
C GLU A 304 2.10 -11.84 -11.70
N SER A 305 1.27 -12.67 -12.32
CA SER A 305 0.17 -12.19 -13.13
C SER A 305 -1.12 -12.00 -12.34
N TYR A 306 -1.44 -12.91 -11.43
CA TYR A 306 -2.75 -12.83 -10.83
C TYR A 306 -2.77 -12.14 -9.47
N LEU A 307 -1.73 -12.31 -8.65
CA LEU A 307 -1.73 -11.64 -7.37
C LEU A 307 -2.05 -10.15 -7.47
N PRO A 308 -1.50 -9.39 -8.43
CA PRO A 308 -1.93 -7.99 -8.57
C PRO A 308 -3.41 -7.87 -8.85
N ILE A 309 -3.98 -8.81 -9.60
CA ILE A 309 -5.41 -8.79 -9.84
C ILE A 309 -6.16 -9.13 -8.56
N LEU A 310 -5.87 -10.29 -7.96
CA LEU A 310 -6.68 -10.76 -6.82
C LEU A 310 -6.64 -9.79 -5.66
N GLU A 311 -5.52 -9.08 -5.48
CA GLU A 311 -5.37 -8.15 -4.36
C GLU A 311 -6.40 -7.03 -4.42
N THR A 312 -6.99 -6.77 -5.58
CA THR A 312 -8.08 -5.81 -5.66
C THR A 312 -9.30 -6.27 -4.84
N TYR A 313 -9.43 -7.57 -4.56
CA TYR A 313 -10.59 -8.13 -3.85
C TYR A 313 -10.37 -8.40 -2.37
N PHE A 314 -9.15 -8.22 -1.88
CA PHE A 314 -8.84 -8.42 -0.48
C PHE A 314 -9.47 -7.32 0.39
N SER B 11 34.90 3.24 -40.56
CA SER B 11 34.13 2.96 -39.34
C SER B 11 34.97 2.27 -38.26
N SER B 12 34.65 2.55 -36.99
CA SER B 12 35.12 1.71 -35.90
C SER B 12 34.02 0.81 -35.34
N PHE B 13 32.76 1.13 -35.64
CA PHE B 13 31.61 0.35 -35.26
C PHE B 13 30.86 -0.09 -36.50
N GLU B 14 30.01 -1.08 -36.36
CA GLU B 14 29.15 -1.44 -37.48
C GLU B 14 27.91 -0.56 -37.53
N TRP B 15 27.50 0.00 -36.40
CA TRP B 15 26.40 0.93 -36.33
C TRP B 15 26.84 2.18 -35.58
N PHE B 16 26.13 3.26 -35.84
CA PHE B 16 26.19 4.45 -35.02
C PHE B 16 25.05 5.37 -35.40
N GLY B 17 24.26 5.79 -34.43
CA GLY B 17 23.10 6.55 -34.82
C GLY B 17 22.50 7.38 -33.73
N SER B 18 21.19 7.49 -33.74
CA SER B 18 20.46 8.32 -32.81
C SER B 18 19.09 7.72 -32.55
N ASN B 19 18.62 7.85 -31.32
CA ASN B 19 17.19 7.76 -31.07
C ASN B 19 16.46 8.91 -31.77
N GLU B 20 15.22 8.65 -32.16
CA GLU B 20 14.39 9.66 -32.82
C GLU B 20 13.06 9.68 -32.09
N SER B 21 12.93 10.59 -31.16
CA SER B 21 11.83 10.57 -30.23
C SER B 21 10.66 11.39 -30.75
N GLY B 22 9.49 11.18 -30.13
CA GLY B 22 8.30 11.94 -30.39
C GLY B 22 7.05 11.09 -30.28
N ALA B 23 7.10 9.87 -30.82
CA ALA B 23 5.89 9.05 -30.86
C ALA B 23 5.59 8.42 -29.51
N GLU B 24 6.55 8.41 -28.60
CA GLU B 24 6.33 7.93 -27.24
C GLU B 24 5.91 9.03 -26.27
N PHE B 25 5.81 10.28 -26.73
CA PHE B 25 5.57 11.42 -25.86
C PHE B 25 4.11 11.50 -25.43
N GLY B 26 3.87 12.35 -24.41
CA GLY B 26 2.54 12.56 -23.84
C GLY B 26 1.90 11.32 -23.26
N SER B 27 2.68 10.43 -22.64
CA SER B 27 2.18 9.10 -22.35
C SER B 27 1.06 9.08 -21.33
N GLY B 28 0.77 10.19 -20.66
CA GLY B 28 -0.44 10.22 -19.87
C GLY B 28 -1.70 10.19 -20.70
N ASN B 29 -1.62 10.50 -21.98
CA ASN B 29 -2.78 10.60 -22.85
C ASN B 29 -2.74 9.42 -23.83
N ILE B 30 -3.46 8.36 -23.50
CA ILE B 30 -3.70 7.24 -24.38
C ILE B 30 -5.15 7.33 -24.83
N PRO B 31 -5.44 7.29 -26.14
CA PRO B 31 -4.46 7.21 -27.22
C PRO B 31 -3.71 8.50 -27.42
N GLY B 32 -4.34 9.61 -27.04
CA GLY B 32 -3.83 10.92 -27.36
C GLY B 32 -4.09 11.28 -28.82
N VAL B 33 -3.77 12.53 -29.15
CA VAL B 33 -3.98 13.10 -30.48
C VAL B 33 -2.62 13.39 -31.09
N GLU B 34 -2.42 12.96 -32.33
CA GLU B 34 -1.16 13.25 -32.99
C GLU B 34 -1.09 14.73 -33.36
N GLY B 35 0.09 15.30 -33.16
CA GLY B 35 0.27 16.73 -33.28
C GLY B 35 -0.01 17.50 -32.02
N THR B 36 -0.63 16.89 -31.00
CA THR B 36 -0.88 17.58 -29.75
C THR B 36 -0.19 16.91 -28.58
N ASP B 37 -0.39 15.61 -28.38
CA ASP B 37 0.30 14.90 -27.30
C ASP B 37 1.60 14.24 -27.74
N TYR B 38 1.74 13.97 -29.03
CA TYR B 38 2.87 13.22 -29.55
C TYR B 38 3.04 13.59 -31.01
N THR B 39 4.14 13.13 -31.59
CA THR B 39 4.45 13.45 -32.98
C THR B 39 5.34 12.37 -33.55
N PHE B 40 5.33 12.27 -34.85
CA PHE B 40 6.29 11.33 -35.39
C PHE B 40 7.56 12.09 -35.77
N PRO B 41 8.69 11.38 -35.84
CA PRO B 41 9.95 12.02 -36.25
C PRO B 41 9.87 12.70 -37.61
N ASN B 42 10.87 13.56 -37.84
CA ASN B 42 10.96 14.44 -39.02
C ASN B 42 11.96 13.83 -40.00
N THR B 43 11.45 13.27 -41.11
CA THR B 43 12.31 12.56 -42.08
C THR B 43 13.37 13.46 -42.71
N THR B 44 13.08 14.74 -42.90
CA THR B 44 14.13 15.65 -43.37
C THR B 44 15.25 15.75 -42.36
N ALA B 45 14.88 15.88 -41.07
CA ALA B 45 15.84 15.96 -39.98
C ALA B 45 16.64 14.67 -39.86
N ILE B 46 16.00 13.51 -40.05
CA ILE B 46 16.73 12.24 -40.14
C ILE B 46 17.73 12.29 -41.29
N GLN B 47 17.29 12.78 -42.46
CA GLN B 47 18.18 12.81 -43.62
C GLN B 47 19.48 13.55 -43.29
N ILE B 48 19.39 14.70 -42.61
CA ILE B 48 20.60 15.45 -42.23
C ILE B 48 21.55 14.57 -41.43
N LEU B 49 20.98 13.71 -40.57
CA LEU B 49 21.80 12.81 -39.77
C LEU B 49 22.34 11.66 -40.59
N ILE B 50 21.54 11.17 -41.55
CA ILE B 50 22.01 10.23 -42.56
C ILE B 50 23.16 10.83 -43.37
N ASP B 51 22.98 12.06 -43.84
CA ASP B 51 24.05 12.74 -44.57
C ASP B 51 25.30 12.87 -43.72
N ALA B 52 25.13 13.16 -42.43
CA ALA B 52 26.27 13.28 -41.53
C ALA B 52 27.01 11.96 -41.32
N GLY B 53 26.34 10.83 -41.57
CA GLY B 53 27.01 9.55 -41.48
C GLY B 53 26.41 8.57 -40.51
N MET B 54 25.16 8.80 -40.10
CA MET B 54 24.52 7.90 -39.16
C MET B 54 23.69 6.85 -39.89
N ASN B 55 23.82 5.58 -39.46
CA ASN B 55 23.29 4.47 -40.23
C ASN B 55 22.32 3.59 -39.42
N ILE B 56 21.88 4.04 -38.25
CA ILE B 56 20.86 3.35 -37.48
C ILE B 56 20.07 4.39 -36.71
N PHE B 57 18.74 4.22 -36.67
CA PHE B 57 17.87 5.12 -35.95
C PHE B 57 16.83 4.32 -35.18
N ARG B 58 16.76 4.56 -33.86
CA ARG B 58 15.84 3.89 -32.94
C ARG B 58 14.64 4.79 -32.72
N VAL B 59 13.44 4.30 -33.04
CA VAL B 59 12.23 5.10 -33.06
C VAL B 59 11.26 4.58 -32.00
N PRO B 60 11.19 5.24 -30.85
CA PRO B 60 10.19 4.85 -29.83
C PRO B 60 8.75 4.99 -30.31
N PHE B 61 7.89 4.14 -29.76
CA PHE B 61 6.45 4.28 -29.85
C PHE B 61 5.87 3.72 -28.56
N LEU B 62 4.57 3.95 -28.36
CA LEU B 62 3.87 3.42 -27.20
C LEU B 62 3.10 2.17 -27.61
N MET B 63 3.23 1.11 -26.79
CA MET B 63 2.48 -0.11 -27.08
C MET B 63 0.98 0.16 -27.14
N GLU B 64 0.47 0.99 -26.22
CA GLU B 64 -0.96 1.26 -26.15
C GLU B 64 -1.46 2.00 -27.37
N ARG B 65 -0.60 2.81 -28.00
CA ARG B 65 -1.03 3.53 -29.20
C ARG B 65 -0.97 2.65 -30.45
N MET B 66 -0.13 1.61 -30.44
CA MET B 66 0.06 0.76 -31.60
C MET B 66 -1.00 -0.33 -31.67
N ILE B 67 -1.25 -1.00 -30.54
CA ILE B 67 -2.27 -2.04 -30.43
C ILE B 67 -3.07 -1.71 -29.18
N PRO B 68 -4.19 -1.03 -29.31
CA PRO B 68 -4.92 -0.57 -28.13
C PRO B 68 -5.72 -1.68 -27.44
N THR B 69 -6.12 -1.38 -26.20
CA THR B 69 -7.06 -2.19 -25.42
C THR B 69 -6.49 -3.52 -24.92
N GLU B 70 -6.09 -4.42 -25.80
CA GLU B 70 -5.34 -5.60 -25.35
C GLU B 70 -4.17 -5.83 -26.29
N MET B 71 -3.09 -6.38 -25.76
CA MET B 71 -1.91 -6.55 -26.60
C MET B 71 -2.02 -7.74 -27.53
N THR B 72 -3.14 -8.44 -27.51
CA THR B 72 -3.47 -9.41 -28.53
C THR B 72 -4.35 -8.78 -29.62
N GLY B 73 -4.58 -7.47 -29.55
CA GLY B 73 -5.49 -6.79 -30.44
C GLY B 73 -4.91 -6.53 -31.82
N SER B 74 -5.68 -5.83 -32.63
CA SER B 74 -5.22 -5.48 -33.97
C SER B 74 -4.54 -4.13 -33.93
N LEU B 75 -3.86 -3.79 -35.01
CA LEU B 75 -3.13 -2.53 -35.08
C LEU B 75 -4.10 -1.37 -35.15
N ASP B 76 -3.69 -0.25 -34.56
CA ASP B 76 -4.36 1.02 -34.81
C ASP B 76 -3.83 1.59 -36.11
N THR B 77 -4.68 1.67 -37.13
CA THR B 77 -4.18 1.92 -38.48
C THR B 77 -3.51 3.29 -38.59
N ALA B 78 -4.12 4.32 -38.00
CA ALA B 78 -3.52 5.65 -38.04
C ALA B 78 -2.14 5.64 -37.40
N TYR B 79 -2.05 5.31 -36.12
CA TYR B 79 -0.75 5.33 -35.43
C TYR B 79 0.29 4.47 -36.13
N PHE B 80 -0.13 3.35 -36.76
CA PHE B 80 0.84 2.47 -37.40
C PHE B 80 1.34 3.01 -38.74
N GLU B 81 0.50 3.73 -39.47
CA GLU B 81 1.01 4.27 -40.72
C GLU B 81 1.88 5.49 -40.45
N GLY B 82 1.50 6.31 -39.46
CA GLY B 82 2.42 7.33 -39.00
C GLY B 82 3.78 6.76 -38.64
N TYR B 83 3.77 5.61 -37.98
CA TYR B 83 5.02 5.04 -37.50
C TYR B 83 5.81 4.39 -38.65
N SER B 84 5.16 3.54 -39.46
CA SER B 84 5.87 2.86 -40.53
C SER B 84 6.35 3.85 -41.61
N GLU B 85 5.62 4.94 -41.82
CA GLU B 85 6.11 6.00 -42.70
C GLU B 85 7.56 6.33 -42.35
N VAL B 86 7.84 6.53 -41.06
CA VAL B 86 9.20 6.89 -40.63
C VAL B 86 10.14 5.69 -40.70
N ILE B 87 9.63 4.50 -40.38
CA ILE B 87 10.45 3.29 -40.51
C ILE B 87 10.78 3.03 -41.97
N ASN B 88 9.80 3.20 -42.86
CA ASN B 88 10.08 2.97 -44.27
C ASN B 88 10.96 4.08 -44.86
N TYR B 89 10.97 5.30 -44.31
CA TYR B 89 11.95 6.27 -44.80
C TYR B 89 13.36 5.84 -44.41
N ILE B 90 13.58 5.55 -43.13
CA ILE B 90 14.92 5.14 -42.68
C ILE B 90 15.46 4.00 -43.55
N THR B 91 14.68 2.93 -43.70
CA THR B 91 15.18 1.76 -44.41
C THR B 91 15.18 1.99 -45.93
N GLY B 92 14.25 2.80 -46.45
CA GLY B 92 14.33 3.20 -47.85
C GLY B 92 15.65 3.84 -48.20
N LYS B 93 16.28 4.56 -47.24
CA LYS B 93 17.58 5.19 -47.48
C LYS B 93 18.74 4.29 -47.09
N GLY B 94 18.46 3.05 -46.72
CA GLY B 94 19.48 2.06 -46.49
C GLY B 94 20.03 2.03 -45.09
N ALA B 95 19.33 2.61 -44.12
CA ALA B 95 19.72 2.55 -42.72
C ALA B 95 18.88 1.54 -41.97
N HIS B 96 19.36 1.17 -40.79
CA HIS B 96 18.59 0.30 -39.93
C HIS B 96 17.59 1.11 -39.12
N ALA B 97 16.41 0.53 -38.91
CA ALA B 97 15.36 1.16 -38.11
C ALA B 97 14.97 0.27 -36.95
N VAL B 98 15.30 0.71 -35.73
CA VAL B 98 14.97 -0.05 -34.52
C VAL B 98 13.53 0.21 -34.11
N VAL B 99 12.73 -0.86 -34.09
CA VAL B 99 11.32 -0.80 -33.72
C VAL B 99 11.18 -1.01 -32.20
N ASP B 100 10.79 0.05 -31.47
CA ASP B 100 11.04 0.15 -30.02
C ASP B 100 9.75 0.44 -29.24
N PRO B 101 9.09 -0.60 -28.68
CA PRO B 101 7.93 -0.36 -27.81
C PRO B 101 8.40 0.23 -26.50
N HIS B 102 8.35 1.56 -26.40
CA HIS B 102 9.03 2.32 -25.35
C HIS B 102 8.17 2.33 -24.09
N ASN B 103 8.18 1.20 -23.39
CA ASN B 103 7.12 0.91 -22.44
C ASN B 103 7.55 0.48 -21.03
N PHE B 104 8.83 0.17 -20.80
CA PHE B 104 9.33 -0.14 -19.46
C PHE B 104 8.67 -1.39 -18.89
N GLY B 105 8.37 -2.35 -19.76
CA GLY B 105 7.85 -3.62 -19.30
C GLY B 105 6.43 -3.57 -18.83
N ARG B 106 5.69 -2.51 -19.14
CA ARG B 106 4.35 -2.31 -18.64
C ARG B 106 3.41 -2.00 -19.80
N TYR B 107 2.16 -2.41 -19.65
CA TYR B 107 1.12 -2.16 -20.62
C TYR B 107 -0.08 -1.59 -19.90
N TYR B 108 -0.48 -0.36 -20.26
CA TYR B 108 -1.47 0.41 -19.52
C TYR B 108 -1.09 0.51 -18.04
N GLY B 109 0.20 0.68 -17.78
CA GLY B 109 0.69 0.84 -16.42
C GLY B 109 0.83 -0.43 -15.61
N THR B 110 0.37 -1.57 -16.10
CA THR B 110 0.65 -2.77 -15.32
C THR B 110 1.84 -3.51 -15.90
N PRO B 111 2.82 -3.92 -15.10
CA PRO B 111 3.91 -4.74 -15.64
C PRO B 111 3.38 -5.92 -16.43
N ILE B 112 4.00 -6.17 -17.55
CA ILE B 112 3.62 -7.27 -18.42
C ILE B 112 4.04 -8.57 -17.75
N SER B 113 3.13 -9.56 -17.73
CA SER B 113 3.41 -10.85 -17.10
C SER B 113 2.74 -12.01 -17.85
N SER B 114 2.37 -11.82 -19.11
CA SER B 114 1.86 -12.90 -19.94
C SER B 114 2.84 -13.04 -21.10
N THR B 115 3.61 -14.13 -21.10
CA THR B 115 4.48 -14.37 -22.25
C THR B 115 3.65 -14.56 -23.52
N SER B 116 2.51 -15.21 -23.41
CA SER B 116 1.76 -15.47 -24.63
C SER B 116 1.08 -14.20 -25.16
N ASP B 117 0.64 -13.28 -24.29
CA ASP B 117 0.11 -12.03 -24.82
C ASP B 117 1.23 -11.19 -25.41
N PHE B 118 2.41 -11.28 -24.81
CA PHE B 118 3.55 -10.55 -25.33
C PHE B 118 3.99 -11.11 -26.67
N GLN B 119 4.05 -12.44 -26.79
CA GLN B 119 4.39 -13.08 -28.05
C GLN B 119 3.41 -12.72 -29.15
N THR B 120 2.13 -12.65 -28.78
CA THR B 120 1.09 -12.32 -29.74
C THR B 120 1.17 -10.86 -30.14
N PHE B 121 1.48 -9.97 -29.18
CA PHE B 121 1.72 -8.57 -29.52
C PHE B 121 2.83 -8.45 -30.55
N TRP B 122 3.88 -9.24 -30.38
CA TRP B 122 5.05 -9.10 -31.23
C TRP B 122 4.86 -9.76 -32.61
N SER B 123 4.15 -10.88 -32.68
CA SER B 123 3.79 -11.46 -33.97
C SER B 123 3.03 -10.47 -34.84
N THR B 124 1.99 -9.86 -34.28
CA THR B 124 1.18 -8.89 -35.03
C THR B 124 2.02 -7.75 -35.54
N LEU B 125 2.86 -7.17 -34.68
CA LEU B 125 3.73 -6.08 -35.11
C LEU B 125 4.76 -6.57 -36.10
N ALA B 126 5.55 -7.60 -35.73
CA ALA B 126 6.66 -8.03 -36.56
C ALA B 126 6.22 -8.48 -37.95
N SER B 127 5.00 -9.00 -38.09
CA SER B 127 4.58 -9.48 -39.40
C SER B 127 4.34 -8.34 -40.38
N GLN B 128 4.25 -7.11 -39.88
CA GLN B 128 4.18 -5.93 -40.72
C GLN B 128 5.55 -5.45 -41.19
N PHE B 129 6.63 -6.06 -40.72
CA PHE B 129 7.94 -5.68 -41.19
C PHE B 129 8.76 -6.90 -41.61
N LYS B 130 8.10 -8.02 -41.91
CA LYS B 130 8.84 -9.28 -41.95
C LYS B 130 9.78 -9.38 -43.15
N SER B 131 9.47 -8.69 -44.25
CA SER B 131 10.32 -8.71 -45.44
C SER B 131 11.26 -7.51 -45.55
N ASN B 132 11.33 -6.65 -44.54
CA ASN B 132 12.21 -5.48 -44.57
C ASN B 132 13.48 -5.84 -43.77
N ASP B 133 14.54 -6.20 -44.50
CA ASP B 133 15.76 -6.70 -43.86
C ASP B 133 16.41 -5.68 -42.93
N LEU B 134 16.15 -4.40 -43.14
CA LEU B 134 16.81 -3.31 -42.42
C LEU B 134 16.13 -2.95 -41.10
N VAL B 135 15.05 -3.60 -40.77
CA VAL B 135 14.40 -3.32 -39.51
C VAL B 135 15.05 -4.17 -38.43
N ILE B 136 15.12 -3.62 -37.21
CA ILE B 136 15.54 -4.30 -35.99
C ILE B 136 14.37 -4.22 -35.03
N PHE B 137 14.20 -5.27 -34.24
CA PHE B 137 13.13 -5.37 -33.25
C PHE B 137 13.71 -5.30 -31.83
N ASP B 138 13.11 -4.45 -31.02
CA ASP B 138 13.59 -4.12 -29.69
C ASP B 138 12.50 -4.56 -28.73
N THR B 139 12.74 -5.64 -27.97
CA THR B 139 11.64 -6.33 -27.28
C THR B 139 10.83 -5.39 -26.38
N ASN B 140 11.50 -4.44 -25.73
CA ASN B 140 10.85 -3.42 -24.90
C ASN B 140 11.93 -2.51 -24.34
N ASN B 141 11.58 -1.25 -24.11
CA ASN B 141 12.55 -0.29 -23.62
C ASN B 141 12.62 -0.37 -22.09
N GLU B 142 13.80 -0.68 -21.55
CA GLU B 142 14.10 -0.44 -20.14
C GLU B 142 13.08 -1.14 -19.22
N TYR B 143 13.11 -2.46 -19.24
CA TYR B 143 12.44 -3.22 -18.19
C TYR B 143 12.97 -2.75 -16.83
N HIS B 144 12.08 -2.60 -15.87
CA HIS B 144 12.55 -2.26 -14.54
C HIS B 144 11.51 -2.73 -13.53
N ASP B 145 11.98 -2.97 -12.31
CA ASP B 145 11.14 -3.29 -11.15
C ASP B 145 10.14 -4.40 -11.50
N MET B 146 10.72 -5.52 -11.90
CA MET B 146 10.01 -6.74 -12.28
C MET B 146 10.93 -7.88 -11.90
N ASP B 147 10.39 -9.08 -11.87
CA ASP B 147 11.29 -10.16 -11.54
C ASP B 147 12.13 -10.50 -12.76
N GLU B 148 13.35 -10.98 -12.51
CA GLU B 148 14.24 -11.29 -13.62
C GLU B 148 13.69 -12.42 -14.47
N SER B 149 13.12 -13.45 -13.82
CA SER B 149 12.55 -14.59 -14.54
C SER B 149 11.53 -14.15 -15.58
N VAL B 150 10.65 -13.21 -15.19
CA VAL B 150 9.68 -12.64 -16.12
C VAL B 150 10.37 -11.88 -17.24
N VAL B 151 11.29 -10.97 -16.87
CA VAL B 151 11.93 -10.14 -17.89
C VAL B 151 12.63 -11.02 -18.92
N VAL B 152 13.39 -12.02 -18.45
CA VAL B 152 14.00 -12.97 -19.37
C VAL B 152 12.93 -13.65 -20.20
N ALA B 153 11.86 -14.11 -19.55
CA ALA B 153 10.83 -14.83 -20.27
C ALA B 153 10.18 -13.95 -21.34
N LEU B 154 9.96 -12.67 -21.04
CA LEU B 154 9.32 -11.80 -22.01
C LEU B 154 10.19 -11.62 -23.26
N ASN B 155 11.48 -11.36 -23.04
CA ASN B 155 12.43 -11.24 -24.14
C ASN B 155 12.43 -12.49 -25.02
N GLN B 156 12.32 -13.65 -24.39
CA GLN B 156 12.21 -14.90 -25.16
C GLN B 156 10.87 -14.98 -25.87
N ALA B 157 9.83 -14.48 -25.23
CA ALA B 157 8.50 -14.50 -25.85
C ALA B 157 8.46 -13.58 -27.06
N ALA B 158 9.15 -12.44 -26.98
CA ALA B 158 9.24 -11.51 -28.12
C ALA B 158 9.96 -12.17 -29.29
N ILE B 159 11.12 -12.78 -29.02
CA ILE B 159 11.86 -13.52 -30.05
C ILE B 159 10.96 -14.56 -30.70
N ASP B 160 10.24 -15.32 -29.87
CA ASP B 160 9.34 -16.35 -30.38
C ASP B 160 8.35 -15.77 -31.38
N GLY B 161 7.60 -14.73 -30.94
CA GLY B 161 6.58 -14.14 -31.80
C GLY B 161 7.15 -13.42 -33.02
N ILE B 162 8.34 -12.84 -32.91
CA ILE B 162 8.94 -12.23 -34.09
C ILE B 162 9.25 -13.28 -35.14
N ARG B 163 9.90 -14.37 -34.72
CA ARG B 163 10.30 -15.40 -35.67
C ARG B 163 9.08 -16.13 -36.24
N ASP B 164 8.11 -16.45 -35.39
CA ASP B 164 6.88 -17.10 -35.82
C ASP B 164 6.11 -16.29 -36.86
N ALA B 165 6.28 -14.97 -36.85
CA ALA B 165 5.64 -14.12 -37.85
C ALA B 165 6.38 -14.14 -39.17
N GLY B 166 7.47 -14.90 -39.25
CA GLY B 166 8.22 -14.98 -40.47
C GLY B 166 9.12 -13.79 -40.67
N ALA B 167 9.44 -13.10 -39.59
CA ALA B 167 10.39 -12.00 -39.62
C ALA B 167 11.68 -12.56 -39.03
N THR B 168 12.41 -13.28 -39.88
CA THR B 168 13.46 -14.19 -39.45
C THR B 168 14.85 -13.74 -39.86
N THR B 169 14.97 -12.62 -40.59
CA THR B 169 16.26 -12.07 -40.99
C THR B 169 16.66 -10.85 -40.17
N GLN B 170 15.76 -10.35 -39.36
CA GLN B 170 15.96 -9.12 -38.64
C GLN B 170 16.67 -9.38 -37.30
N TYR B 171 17.62 -8.50 -36.98
CA TYR B 171 18.22 -8.44 -35.65
C TYR B 171 17.14 -8.23 -34.60
N ILE B 172 17.34 -8.80 -33.42
CA ILE B 172 16.47 -8.55 -32.28
C ILE B 172 17.30 -7.97 -31.16
N PHE B 173 16.94 -6.78 -30.72
CA PHE B 173 17.57 -6.14 -29.58
C PHE B 173 16.84 -6.60 -28.33
N VAL B 174 17.55 -7.27 -27.44
CA VAL B 174 16.96 -7.66 -26.18
C VAL B 174 17.47 -6.69 -25.11
N GLU B 175 16.64 -6.45 -24.10
CA GLU B 175 16.96 -5.53 -23.03
C GLU B 175 16.75 -6.20 -21.68
N GLY B 176 17.58 -5.76 -20.73
CA GLY B 176 17.56 -6.31 -19.40
C GLY B 176 16.68 -5.54 -18.45
N ASN B 177 16.58 -6.09 -17.23
CA ASN B 177 15.96 -5.43 -16.10
C ASN B 177 16.79 -4.21 -15.75
N ALA B 178 16.34 -3.40 -14.78
CA ALA B 178 17.16 -2.32 -14.23
C ALA B 178 17.52 -1.29 -15.32
N TYR B 179 16.53 -0.97 -16.15
CA TYR B 179 16.67 -0.01 -17.25
C TYR B 179 17.73 -0.49 -18.23
N SER B 180 17.98 -1.79 -18.18
CA SER B 180 18.95 -2.47 -19.02
C SER B 180 20.24 -1.68 -19.06
N GLY B 181 20.61 -1.16 -17.90
CA GLY B 181 21.78 -0.31 -17.77
C GLY B 181 23.06 -1.13 -17.88
N ALA B 182 24.07 -0.54 -18.49
CA ALA B 182 25.28 -1.30 -18.71
C ALA B 182 26.07 -1.49 -17.43
N TRP B 183 25.99 -0.52 -16.50
CA TRP B 183 26.82 -0.57 -15.30
C TRP B 183 26.26 -1.49 -14.24
N THR B 184 25.00 -1.86 -14.33
CA THR B 184 24.42 -2.80 -13.40
C THR B 184 24.22 -4.16 -14.02
N TRP B 185 24.72 -4.38 -15.24
CA TRP B 185 24.31 -5.57 -15.99
C TRP B 185 24.69 -6.84 -15.24
N THR B 186 25.93 -6.94 -14.76
CA THR B 186 26.30 -8.17 -14.08
C THR B 186 25.68 -8.29 -12.69
N THR B 187 25.12 -7.20 -12.17
CA THR B 187 24.40 -7.25 -10.91
C THR B 187 22.99 -7.83 -11.08
N TYR B 188 22.33 -7.56 -12.20
CA TYR B 188 20.93 -7.92 -12.34
C TYR B 188 20.64 -8.86 -13.51
N ASN B 189 21.41 -8.80 -14.59
CA ASN B 189 20.99 -9.42 -15.84
C ASN B 189 21.94 -10.52 -16.30
N THR B 190 22.60 -11.21 -15.35
CA THR B 190 23.37 -12.40 -15.71
C THR B 190 22.48 -13.49 -16.28
N ALA B 191 21.23 -13.59 -15.80
CA ALA B 191 20.27 -14.57 -16.27
C ALA B 191 19.93 -14.43 -17.76
N MET B 192 20.22 -13.29 -18.37
CA MET B 192 19.85 -13.05 -19.76
C MET B 192 20.71 -13.81 -20.76
N VAL B 193 21.71 -14.56 -20.31
CA VAL B 193 22.44 -15.46 -21.19
C VAL B 193 21.46 -16.39 -21.90
N ASN B 194 20.43 -16.84 -21.19
CA ASN B 194 19.72 -18.04 -21.59
C ASN B 194 18.69 -17.78 -22.69
N LEU B 195 18.86 -16.70 -23.46
CA LEU B 195 17.97 -16.40 -24.58
C LEU B 195 18.46 -17.10 -25.83
N THR B 196 17.51 -17.55 -26.67
CA THR B 196 17.86 -18.24 -27.91
C THR B 196 17.04 -17.70 -29.07
N ASP B 197 17.58 -17.85 -30.27
CA ASP B 197 16.98 -17.30 -31.48
C ASP B 197 17.17 -18.31 -32.61
N PRO B 198 16.10 -18.87 -33.16
CA PRO B 198 16.27 -19.74 -34.34
C PRO B 198 17.09 -19.10 -35.43
N SER B 199 17.06 -17.77 -35.53
CA SER B 199 17.82 -17.03 -36.52
C SER B 199 19.18 -16.57 -36.02
N ASP B 200 19.45 -16.68 -34.72
CA ASP B 200 20.75 -16.36 -34.13
C ASP B 200 21.19 -14.93 -34.48
N LEU B 201 20.32 -13.96 -34.19
CA LEU B 201 20.61 -12.55 -34.48
C LEU B 201 20.24 -11.69 -33.27
N ILE B 202 20.46 -12.23 -32.07
CA ILE B 202 20.23 -11.52 -30.81
C ILE B 202 21.39 -10.56 -30.57
N VAL B 203 21.08 -9.30 -30.30
CA VAL B 203 22.05 -8.32 -29.79
C VAL B 203 21.52 -7.82 -28.46
N TYR B 204 22.40 -7.69 -27.47
CA TYR B 204 22.02 -7.23 -26.13
C TYR B 204 22.13 -5.71 -26.07
N GLU B 205 20.99 -5.03 -26.03
CA GLU B 205 21.00 -3.57 -26.04
C GLU B 205 21.04 -3.04 -24.61
N MET B 206 22.06 -2.27 -24.31
CA MET B 206 22.23 -1.67 -23.00
C MET B 206 22.22 -0.15 -23.13
N HIS B 207 21.92 0.51 -22.01
CA HIS B 207 21.94 1.96 -21.90
C HIS B 207 23.00 2.37 -20.89
N GLN B 208 23.62 3.54 -21.15
CA GLN B 208 24.52 4.14 -20.16
C GLN B 208 24.38 5.65 -20.19
N TYR B 209 24.14 6.23 -19.04
CA TYR B 209 24.23 7.66 -18.82
C TYR B 209 25.32 7.92 -17.79
N LEU B 210 25.78 9.17 -17.72
CA LEU B 210 26.99 9.48 -16.98
C LEU B 210 26.77 10.38 -15.78
N ASP B 211 25.53 10.75 -15.51
CA ASP B 211 25.23 11.46 -14.29
C ASP B 211 25.13 10.49 -13.11
N SER B 212 25.16 11.07 -11.90
CA SER B 212 25.47 10.30 -10.70
C SER B 212 24.58 9.06 -10.58
N ASP B 213 23.28 9.22 -10.78
CA ASP B 213 22.35 8.12 -10.66
C ASP B 213 22.13 7.40 -11.98
N GLY B 214 22.84 7.78 -13.03
CA GLY B 214 22.71 7.09 -14.31
C GLY B 214 21.37 7.25 -14.97
N SER B 215 20.54 8.17 -14.49
CA SER B 215 19.22 8.38 -15.04
C SER B 215 19.20 9.20 -16.31
N GLY B 216 20.32 9.82 -16.70
CA GLY B 216 20.35 10.60 -17.92
C GLY B 216 19.33 11.71 -17.95
N THR B 217 19.15 12.39 -16.81
CA THR B 217 18.31 13.57 -16.72
C THR B 217 19.12 14.80 -16.32
N SER B 218 20.45 14.69 -16.26
CA SER B 218 21.30 15.81 -15.90
C SER B 218 22.41 16.00 -16.93
N ASP B 219 22.80 17.25 -17.09
CA ASP B 219 23.87 17.60 -18.00
C ASP B 219 25.25 17.59 -17.33
N GLN B 220 25.36 17.07 -16.10
CA GLN B 220 26.62 16.94 -15.39
C GLN B 220 27.05 15.47 -15.34
N CYS B 221 28.31 15.22 -15.69
CA CYS B 221 28.90 13.89 -15.55
C CYS B 221 29.63 13.76 -14.23
N VAL B 222 29.75 12.51 -13.75
CA VAL B 222 30.43 12.29 -12.47
C VAL B 222 31.91 12.63 -12.60
N SER B 223 32.50 12.32 -13.75
CA SER B 223 33.94 12.44 -13.94
C SER B 223 34.22 12.27 -15.42
N SER B 224 35.47 12.52 -15.78
CA SER B 224 35.94 12.36 -17.15
C SER B 224 36.25 10.92 -17.48
N THR B 225 36.22 10.03 -16.48
CA THR B 225 36.44 8.61 -16.69
C THR B 225 35.21 7.76 -16.44
N VAL B 226 34.08 8.38 -16.11
CA VAL B 226 32.95 7.60 -15.59
C VAL B 226 32.31 6.76 -16.68
N GLY B 227 32.27 7.25 -17.92
CA GLY B 227 31.70 6.48 -19.02
C GLY B 227 32.46 5.19 -19.26
N GLN B 228 33.78 5.30 -19.38
CA GLN B 228 34.63 4.12 -19.55
C GLN B 228 34.40 3.12 -18.42
N GLU B 229 34.40 3.60 -17.17
CA GLU B 229 34.34 2.70 -16.03
C GLU B 229 33.01 1.95 -15.97
N ARG B 230 31.90 2.63 -16.27
CA ARG B 230 30.59 2.02 -16.21
C ARG B 230 30.32 1.05 -17.33
N VAL B 231 31.23 0.81 -18.28
CA VAL B 231 30.97 -0.20 -19.30
C VAL B 231 32.00 -1.34 -19.27
N VAL B 232 32.87 -1.39 -18.25
CA VAL B 232 33.88 -2.45 -18.21
C VAL B 232 33.24 -3.81 -17.90
N ASP B 233 32.40 -3.88 -16.85
CA ASP B 233 31.81 -5.17 -16.47
C ASP B 233 30.99 -5.73 -17.61
N ALA B 234 30.04 -4.94 -18.12
CA ALA B 234 29.18 -5.41 -19.20
C ALA B 234 30.01 -5.88 -20.39
N THR B 235 31.19 -5.27 -20.60
CA THR B 235 32.04 -5.64 -21.74
C THR B 235 32.62 -7.04 -21.57
N THR B 236 33.20 -7.31 -20.38
CA THR B 236 33.74 -8.64 -20.14
C THR B 236 32.64 -9.70 -20.15
N TRP B 237 31.41 -9.32 -19.76
CA TRP B 237 30.30 -10.27 -19.78
C TRP B 237 30.00 -10.72 -21.20
N LEU B 238 29.91 -9.75 -22.13
CA LEU B 238 29.66 -10.08 -23.52
C LEU B 238 30.78 -10.96 -24.07
N GLN B 239 32.02 -10.55 -23.83
CA GLN B 239 33.17 -11.35 -24.20
C GLN B 239 33.14 -12.74 -23.55
N SER B 240 32.98 -12.80 -22.20
CA SER B 240 32.94 -14.08 -21.51
C SER B 240 31.87 -15.00 -22.09
N ASN B 241 30.62 -14.54 -22.12
CA ASN B 241 29.51 -15.38 -22.54
C ASN B 241 29.35 -15.43 -24.06
N GLY B 242 30.27 -14.81 -24.79
CA GLY B 242 30.24 -14.89 -26.25
C GLY B 242 29.03 -14.24 -26.88
N LYS B 243 28.65 -13.05 -26.44
CA LYS B 243 27.48 -12.39 -27.01
C LYS B 243 27.91 -11.10 -27.71
N LEU B 244 26.92 -10.42 -28.30
CA LEU B 244 27.09 -9.13 -28.96
C LEU B 244 26.19 -8.11 -28.28
N GLY B 245 26.67 -6.86 -28.20
CA GLY B 245 25.93 -5.81 -27.56
C GLY B 245 25.94 -4.55 -28.41
N ILE B 246 24.94 -3.70 -28.15
CA ILE B 246 24.85 -2.37 -28.74
C ILE B 246 24.44 -1.39 -27.64
N LEU B 247 25.05 -0.22 -27.62
CA LEU B 247 24.64 0.81 -26.67
C LEU B 247 23.45 1.55 -27.25
N GLY B 248 22.24 1.14 -26.88
CA GLY B 248 21.06 1.68 -27.51
C GLY B 248 20.72 3.09 -27.09
N GLU B 249 21.28 3.56 -25.98
CA GLU B 249 21.05 4.93 -25.54
C GLU B 249 22.29 5.37 -24.76
N PHE B 250 22.70 6.62 -24.99
CA PHE B 250 23.75 7.25 -24.20
C PHE B 250 23.74 8.75 -24.48
N ALA B 251 24.31 9.52 -23.54
CA ALA B 251 24.35 10.97 -23.71
C ALA B 251 25.30 11.58 -22.68
N GLY B 252 25.89 12.72 -23.07
CA GLY B 252 26.63 13.54 -22.15
C GLY B 252 26.11 14.96 -22.21
N GLY B 253 26.41 15.71 -21.17
CA GLY B 253 26.12 17.12 -21.20
C GLY B 253 27.12 17.88 -22.04
N ALA B 254 26.72 19.07 -22.44
CA ALA B 254 27.57 19.94 -23.26
C ALA B 254 28.61 20.59 -22.34
N ASN B 255 29.66 19.85 -22.02
CA ASN B 255 30.80 20.40 -21.29
C ASN B 255 31.97 19.45 -21.45
N SER B 256 33.15 19.91 -21.03
CA SER B 256 34.37 19.18 -21.37
C SER B 256 34.38 17.82 -20.68
N VAL B 257 34.12 17.81 -19.37
CA VAL B 257 34.13 16.56 -18.62
C VAL B 257 33.20 15.55 -19.27
N CYS B 258 31.93 15.93 -19.46
CA CYS B 258 31.00 15.01 -20.10
C CYS B 258 31.54 14.50 -21.43
N GLU B 259 31.96 15.42 -22.32
CA GLU B 259 32.47 15.01 -23.63
C GLU B 259 33.69 14.11 -23.50
N GLU B 260 34.61 14.45 -22.58
CA GLU B 260 35.79 13.62 -22.35
C GLU B 260 35.42 12.22 -21.90
N ALA B 261 34.30 12.07 -21.16
CA ALA B 261 33.85 10.77 -20.68
C ALA B 261 33.17 9.98 -21.78
N VAL B 262 32.27 10.62 -22.54
CA VAL B 262 31.72 9.97 -23.74
C VAL B 262 32.83 9.54 -24.69
N GLU B 263 33.83 10.40 -24.90
CA GLU B 263 34.95 10.03 -25.75
C GLU B 263 35.65 8.77 -25.25
N GLY B 264 35.96 8.73 -23.95
CA GLY B 264 36.69 7.60 -23.39
C GLY B 264 35.87 6.33 -23.35
N MET B 265 34.57 6.45 -23.15
CA MET B 265 33.70 5.28 -23.19
C MET B 265 33.59 4.71 -24.60
N LEU B 266 33.41 5.57 -25.61
CA LEU B 266 33.31 5.09 -27.00
C LEU B 266 34.63 4.53 -27.48
N ASP B 267 35.74 5.15 -27.04
CA ASP B 267 37.07 4.56 -27.19
C ASP B 267 37.09 3.12 -26.71
N TYR B 268 36.76 2.91 -25.42
CA TYR B 268 36.82 1.58 -24.83
C TYR B 268 35.89 0.61 -25.55
N LEU B 269 34.67 1.04 -25.87
CA LEU B 269 33.82 0.16 -26.67
C LEU B 269 34.46 -0.15 -28.01
N ALA B 270 35.06 0.85 -28.64
CA ALA B 270 35.61 0.61 -29.97
C ALA B 270 36.84 -0.31 -29.93
N GLU B 271 37.63 -0.25 -28.87
CA GLU B 271 38.69 -1.25 -28.78
C GLU B 271 38.13 -2.62 -28.44
N ASN B 272 36.82 -2.73 -28.22
CA ASN B 272 36.14 -4.00 -27.99
C ASN B 272 35.02 -4.20 -29.02
N SER B 273 35.31 -3.88 -30.29
CA SER B 273 34.32 -3.92 -31.36
C SER B 273 33.83 -5.34 -31.64
N ASP B 274 34.67 -6.34 -31.34
CA ASP B 274 34.27 -7.72 -31.55
C ASP B 274 33.03 -8.09 -30.74
N VAL B 275 32.64 -7.29 -29.74
CA VAL B 275 31.44 -7.60 -28.95
C VAL B 275 30.46 -6.43 -29.06
N TRP B 276 30.98 -5.22 -29.18
CA TRP B 276 30.15 -4.03 -29.22
C TRP B 276 29.86 -3.68 -30.67
N LEU B 277 28.60 -3.80 -31.07
CA LEU B 277 28.21 -3.58 -32.45
C LEU B 277 28.02 -2.11 -32.80
N GLY B 278 27.92 -1.23 -31.82
CA GLY B 278 27.72 0.17 -32.10
C GLY B 278 26.88 0.82 -31.01
N ALA B 279 26.52 2.08 -31.26
CA ALA B 279 25.81 2.87 -30.25
C ALA B 279 24.83 3.81 -30.93
N SER B 280 23.83 4.23 -30.17
CA SER B 280 22.82 5.18 -30.62
C SER B 280 22.60 6.24 -29.56
N TRP B 281 22.50 7.50 -29.98
CA TRP B 281 22.47 8.64 -29.07
C TRP B 281 21.04 8.93 -28.63
N TRP B 282 20.91 9.36 -27.38
CA TRP B 282 19.64 9.81 -26.81
C TRP B 282 19.72 11.32 -26.57
N SER B 283 19.01 12.12 -27.37
CA SER B 283 18.08 11.71 -28.41
C SER B 283 17.92 12.80 -29.48
N ALA B 284 17.50 12.38 -30.69
CA ALA B 284 17.04 13.25 -31.76
C ALA B 284 15.52 13.32 -31.77
N GLY B 285 14.96 14.09 -32.69
CA GLY B 285 13.52 14.23 -32.79
C GLY B 285 13.04 15.66 -32.70
N PRO B 286 11.82 15.92 -33.19
CA PRO B 286 11.44 17.31 -33.50
C PRO B 286 10.89 18.13 -32.35
N TRP B 287 10.56 17.53 -31.20
CA TRP B 287 9.94 18.27 -30.12
C TRP B 287 10.86 18.46 -28.91
N TRP B 288 12.16 18.22 -29.04
CA TRP B 288 13.08 18.29 -27.90
C TRP B 288 13.37 19.73 -27.45
N GLN B 289 13.24 20.71 -28.34
CA GLN B 289 13.47 22.13 -28.02
C GLN B 289 14.88 22.22 -27.43
N ASP B 290 15.05 22.92 -26.30
CA ASP B 290 16.34 23.18 -25.69
C ASP B 290 16.82 22.04 -24.80
N TYR B 291 16.35 20.82 -25.06
CA TYR B 291 16.72 19.65 -24.29
C TYR B 291 18.24 19.45 -24.24
N ILE B 292 18.76 19.13 -23.06
CA ILE B 292 20.21 19.08 -22.87
C ILE B 292 20.89 18.08 -23.80
N TYR B 293 20.16 17.06 -24.26
CA TYR B 293 20.71 16.00 -25.10
C TYR B 293 20.19 16.02 -26.55
N SER B 294 19.52 17.08 -26.98
CA SER B 294 18.88 17.04 -28.27
C SER B 294 19.92 16.94 -29.39
N MET B 295 19.84 15.87 -30.16
CA MET B 295 20.63 15.67 -31.36
C MET B 295 19.94 16.22 -32.59
N GLU B 296 18.79 16.86 -32.42
CA GLU B 296 17.98 17.27 -33.57
C GLU B 296 18.58 18.47 -34.27
N PRO B 297 18.82 18.41 -35.59
CA PRO B 297 19.35 19.56 -36.32
C PRO B 297 18.28 20.61 -36.54
N PRO B 298 18.67 21.87 -36.80
CA PRO B 298 20.04 22.39 -36.95
C PRO B 298 20.61 22.90 -35.62
N ASN B 299 19.84 22.68 -34.56
CA ASN B 299 19.86 23.51 -33.39
C ASN B 299 20.12 22.75 -32.10
N GLY B 300 19.97 21.43 -32.08
CA GLY B 300 20.02 20.70 -30.83
C GLY B 300 21.32 20.93 -30.09
N ILE B 301 21.26 21.05 -28.77
CA ILE B 301 22.47 21.35 -28.03
C ILE B 301 23.51 20.28 -28.30
N ALA B 302 23.07 19.02 -28.37
CA ALA B 302 24.03 17.94 -28.57
C ALA B 302 24.44 17.83 -30.03
N TYR B 303 23.59 18.28 -30.92
CA TYR B 303 23.99 18.40 -32.32
C TYR B 303 25.20 19.32 -32.44
N GLU B 304 25.15 20.46 -31.75
CA GLU B 304 26.25 21.44 -31.82
C GLU B 304 27.55 20.91 -31.24
N SER B 305 27.49 20.23 -30.10
CA SER B 305 28.68 19.86 -29.36
C SER B 305 29.09 18.40 -29.56
N TYR B 306 28.15 17.49 -29.77
CA TYR B 306 28.54 16.08 -29.82
C TYR B 306 28.66 15.51 -31.23
N LEU B 307 27.85 15.94 -32.21
CA LEU B 307 27.98 15.35 -33.54
C LEU B 307 29.39 15.47 -34.10
N PRO B 308 30.10 16.60 -33.96
CA PRO B 308 31.51 16.64 -34.40
C PRO B 308 32.38 15.61 -33.71
N ILE B 309 32.02 15.21 -32.49
CA ILE B 309 32.76 14.18 -31.78
C ILE B 309 32.34 12.79 -32.25
N LEU B 310 31.03 12.53 -32.34
CA LEU B 310 30.55 11.19 -32.68
C LEU B 310 31.01 10.76 -34.07
N GLU B 311 31.11 11.71 -35.00
CA GLU B 311 31.42 11.29 -36.35
C GLU B 311 32.88 10.92 -36.52
N THR B 312 33.73 11.20 -35.52
CA THR B 312 35.05 10.58 -35.51
C THR B 312 34.97 9.05 -35.44
N TYR B 313 33.82 8.49 -35.01
CA TYR B 313 33.63 7.04 -34.87
C TYR B 313 32.81 6.44 -36.01
N PHE B 314 32.37 7.27 -36.96
CA PHE B 314 31.62 6.79 -38.10
C PHE B 314 32.57 6.08 -39.05
N SER C 11 -0.82 11.85 8.04
CA SER C 11 0.42 12.32 8.65
C SER C 11 0.19 13.44 9.69
N SER C 12 1.25 13.71 10.44
CA SER C 12 1.34 14.86 11.31
C SER C 12 2.37 15.88 10.85
N PHE C 13 3.48 15.39 10.27
CA PHE C 13 4.51 16.20 9.66
C PHE C 13 4.62 15.84 8.18
N GLU C 14 5.28 16.72 7.40
CA GLU C 14 5.52 16.32 6.03
C GLU C 14 6.66 15.32 5.94
N TRP C 15 7.59 15.36 6.89
CA TRP C 15 8.70 14.42 6.93
C TRP C 15 8.78 13.73 8.29
N PHE C 16 9.25 12.48 8.28
CA PHE C 16 9.65 11.83 9.53
C PHE C 16 10.59 10.68 9.17
N GLY C 17 11.82 10.74 9.64
CA GLY C 17 12.71 9.67 9.26
C GLY C 17 13.87 9.42 10.20
N SER C 18 15.02 9.03 9.64
CA SER C 18 16.17 8.66 10.44
C SER C 18 17.45 9.09 9.75
N ASN C 19 18.43 9.48 10.56
CA ASN C 19 19.81 9.50 10.13
C ASN C 19 20.30 8.08 9.84
N GLU C 20 21.31 8.02 8.99
CA GLU C 20 21.87 6.77 8.51
C GLU C 20 23.38 7.01 8.48
N SER C 21 24.06 6.61 9.53
CA SER C 21 25.47 6.96 9.70
C SER C 21 26.37 5.76 9.42
N GLY C 22 27.66 6.05 9.22
CA GLY C 22 28.63 5.05 8.83
C GLY C 22 29.75 5.63 7.98
N ALA C 23 29.39 6.35 6.91
CA ALA C 23 30.38 7.00 6.06
C ALA C 23 31.18 8.08 6.80
N GLU C 24 30.70 8.55 7.95
CA GLU C 24 31.40 9.60 8.69
C GLU C 24 32.18 9.06 9.90
N PHE C 25 32.23 7.74 10.09
CA PHE C 25 32.95 7.11 11.19
C PHE C 25 34.45 7.12 10.92
N GLY C 26 35.22 6.66 11.91
CA GLY C 26 36.67 6.64 11.83
C GLY C 26 37.23 8.00 11.50
N SER C 27 36.60 9.05 12.03
CA SER C 27 36.79 10.43 11.62
C SER C 27 38.25 10.88 11.67
N GLY C 28 39.12 10.06 12.26
CA GLY C 28 40.53 10.38 12.42
C GLY C 28 41.47 9.80 11.39
N ASN C 29 41.03 8.82 10.61
CA ASN C 29 41.85 8.25 9.53
C ASN C 29 41.32 8.80 8.19
N ILE C 30 41.95 9.87 7.74
CA ILE C 30 41.67 10.47 6.43
C ILE C 30 42.79 10.07 5.48
N PRO C 31 42.49 9.48 4.33
CA PRO C 31 41.17 9.15 3.79
C PRO C 31 40.46 7.97 4.47
N GLY C 32 41.23 7.07 5.08
CA GLY C 32 40.68 5.85 5.64
C GLY C 32 40.27 4.87 4.57
N VAL C 33 40.04 3.63 4.98
CA VAL C 33 39.72 2.55 4.05
C VAL C 33 38.28 2.13 4.26
N GLU C 34 37.51 2.08 3.17
CA GLU C 34 36.13 1.65 3.30
C GLU C 34 36.08 0.22 3.81
N GLY C 35 35.09 -0.08 4.64
CA GLY C 35 35.04 -1.36 5.29
C GLY C 35 35.91 -1.47 6.53
N THR C 36 36.86 -0.57 6.74
CA THR C 36 37.70 -0.61 7.93
C THR C 36 37.45 0.59 8.82
N ASP C 37 37.67 1.81 8.33
CA ASP C 37 37.48 2.99 9.16
C ASP C 37 36.10 3.58 9.04
N TYR C 38 35.26 3.06 8.15
CA TYR C 38 33.94 3.62 7.86
C TYR C 38 33.25 2.67 6.90
N THR C 39 31.99 2.96 6.59
CA THR C 39 31.28 2.18 5.58
C THR C 39 30.06 2.98 5.14
N PHE C 40 29.38 2.43 4.16
CA PHE C 40 28.17 3.12 3.72
C PHE C 40 26.93 2.44 4.31
N PRO C 41 25.84 3.17 4.49
CA PRO C 41 24.63 2.56 5.06
C PRO C 41 24.09 1.42 4.22
N ASN C 42 23.28 0.62 4.89
CA ASN C 42 22.71 -0.62 4.37
C ASN C 42 21.36 -0.30 3.74
N THR C 43 21.26 -0.48 2.42
CA THR C 43 20.01 -0.19 1.70
C THR C 43 18.89 -1.16 2.07
N THR C 44 19.21 -2.41 2.42
CA THR C 44 18.15 -3.30 2.86
C THR C 44 17.61 -2.87 4.21
N ALA C 45 18.51 -2.47 5.12
CA ALA C 45 18.07 -1.91 6.39
C ALA C 45 17.31 -0.61 6.16
N ILE C 46 17.81 0.25 5.26
CA ILE C 46 17.07 1.46 4.88
C ILE C 46 15.68 1.09 4.37
N GLN C 47 15.60 0.05 3.51
CA GLN C 47 14.31 -0.37 2.96
C GLN C 47 13.33 -0.77 4.06
N ILE C 48 13.80 -1.44 5.12
CA ILE C 48 12.92 -1.85 6.23
C ILE C 48 12.29 -0.64 6.92
N LEU C 49 13.02 0.49 6.95
CA LEU C 49 12.51 1.71 7.56
C LEU C 49 11.58 2.47 6.62
N ILE C 50 11.78 2.36 5.29
CA ILE C 50 10.78 2.88 4.36
C ILE C 50 9.47 2.12 4.50
N ASP C 51 9.55 0.78 4.54
CA ASP C 51 8.35 -0.05 4.74
C ASP C 51 7.65 0.33 6.03
N ALA C 52 8.43 0.61 7.08
CA ALA C 52 7.90 1.08 8.37
C ALA C 52 7.20 2.42 8.26
N GLY C 53 7.47 3.20 7.21
CA GLY C 53 6.82 4.47 6.98
C GLY C 53 7.69 5.70 7.06
N MET C 54 9.02 5.57 7.08
CA MET C 54 9.89 6.74 7.09
C MET C 54 10.14 7.26 5.68
N ASN C 55 10.14 8.58 5.55
CA ASN C 55 10.19 9.17 4.22
C ASN C 55 11.34 10.16 4.05
N ILE C 56 12.36 10.10 4.90
CA ILE C 56 13.52 10.98 4.75
C ILE C 56 14.67 10.36 5.52
N PHE C 57 15.86 10.37 4.89
CA PHE C 57 17.05 9.72 5.45
C PHE C 57 18.25 10.65 5.28
N ARG C 58 18.78 11.16 6.40
CA ARG C 58 19.92 12.06 6.39
C ARG C 58 21.18 11.22 6.52
N VAL C 59 22.04 11.30 5.50
CA VAL C 59 23.20 10.41 5.37
C VAL C 59 24.48 11.23 5.56
N PRO C 60 25.05 11.27 6.75
CA PRO C 60 26.32 12.00 6.94
C PRO C 60 27.45 11.41 6.11
N PHE C 61 28.41 12.27 5.75
CA PHE C 61 29.68 11.89 5.14
C PHE C 61 30.73 12.90 5.60
N LEU C 62 31.98 12.72 5.18
CA LEU C 62 33.07 13.63 5.54
C LEU C 62 33.51 14.46 4.34
N MET C 63 33.67 15.78 4.57
CA MET C 63 34.13 16.65 3.49
C MET C 63 35.51 16.24 3.00
N GLU C 64 36.37 15.80 3.90
CA GLU C 64 37.74 15.46 3.53
C GLU C 64 37.81 14.18 2.71
N ARG C 65 36.74 13.37 2.74
CA ARG C 65 36.67 12.14 1.94
C ARG C 65 36.03 12.38 0.58
N MET C 66 35.07 13.31 0.53
CA MET C 66 34.34 13.62 -0.69
C MET C 66 35.21 14.41 -1.66
N ILE C 67 35.89 15.44 -1.15
CA ILE C 67 36.75 16.36 -1.89
C ILE C 67 38.05 16.52 -1.10
N PRO C 68 39.04 15.68 -1.33
CA PRO C 68 40.27 15.74 -0.53
C PRO C 68 41.12 16.97 -0.81
N THR C 69 42.10 17.17 0.08
CA THR C 69 43.22 18.10 -0.03
C THR C 69 42.80 19.57 0.04
N GLU C 70 41.95 20.01 -0.87
CA GLU C 70 41.39 21.34 -0.78
C GLU C 70 39.91 21.27 -1.11
N MET C 71 39.14 22.18 -0.52
CA MET C 71 37.70 22.09 -0.72
C MET C 71 37.26 22.64 -2.07
N THR C 72 38.17 23.24 -2.85
CA THR C 72 37.91 23.59 -4.24
C THR C 72 38.34 22.48 -5.19
N GLY C 73 38.51 21.25 -4.69
CA GLY C 73 39.07 20.17 -5.49
C GLY C 73 38.01 19.32 -6.15
N SER C 74 38.45 18.21 -6.74
CA SER C 74 37.58 17.28 -7.44
C SER C 74 37.03 16.24 -6.49
N LEU C 75 35.98 15.54 -6.94
CA LEU C 75 35.39 14.51 -6.11
C LEU C 75 36.32 13.33 -6.00
N ASP C 76 36.28 12.66 -4.85
CA ASP C 76 36.84 11.33 -4.81
C ASP C 76 35.80 10.39 -5.38
N THR C 77 36.05 9.90 -6.59
CA THR C 77 35.02 9.14 -7.28
C THR C 77 34.64 7.88 -6.51
N ALA C 78 35.62 7.20 -5.92
CA ALA C 78 35.28 6.01 -5.12
C ALA C 78 34.33 6.36 -3.99
N TYR C 79 34.76 7.26 -3.09
CA TYR C 79 33.91 7.66 -1.98
C TYR C 79 32.58 8.22 -2.47
N PHE C 80 32.59 8.91 -3.63
CA PHE C 80 31.34 9.49 -4.11
C PHE C 80 30.41 8.44 -4.69
N GLU C 81 30.96 7.36 -5.23
CA GLU C 81 30.10 6.30 -5.76
C GLU C 81 29.38 5.59 -4.64
N GLY C 82 30.11 5.24 -3.58
CA GLY C 82 29.46 4.65 -2.41
C GLY C 82 28.38 5.55 -1.85
N TYR C 83 28.67 6.84 -1.74
CA TYR C 83 27.71 7.77 -1.16
C TYR C 83 26.51 7.93 -2.09
N SER C 84 26.77 8.14 -3.38
CA SER C 84 25.72 8.33 -4.38
C SER C 84 24.78 7.13 -4.43
N GLU C 85 25.35 5.92 -4.36
CA GLU C 85 24.57 4.68 -4.40
C GLU C 85 23.49 4.68 -3.32
N VAL C 86 23.82 5.13 -2.11
CA VAL C 86 22.80 5.17 -1.05
C VAL C 86 21.80 6.32 -1.30
N ILE C 87 22.30 7.52 -1.68
CA ILE C 87 21.42 8.65 -1.98
C ILE C 87 20.44 8.27 -3.10
N ASN C 88 20.91 7.53 -4.09
CA ASN C 88 20.02 7.19 -5.19
C ASN C 88 19.09 6.04 -4.83
N TYR C 89 19.43 5.24 -3.82
CA TYR C 89 18.47 4.26 -3.33
C TYR C 89 17.32 4.95 -2.61
N ILE C 90 17.64 5.82 -1.66
CA ILE C 90 16.61 6.56 -0.91
C ILE C 90 15.64 7.23 -1.87
N THR C 91 16.18 8.02 -2.82
CA THR C 91 15.32 8.84 -3.66
C THR C 91 14.64 8.03 -4.76
N GLY C 92 15.33 7.01 -5.29
CA GLY C 92 14.67 6.07 -6.19
C GLY C 92 13.52 5.33 -5.54
N LYS C 93 13.49 5.26 -4.21
CA LYS C 93 12.36 4.68 -3.50
C LYS C 93 11.32 5.72 -3.09
N GLY C 94 11.49 6.97 -3.52
CA GLY C 94 10.51 8.01 -3.31
C GLY C 94 10.72 8.88 -2.08
N ALA C 95 11.77 8.65 -1.30
CA ALA C 95 11.99 9.41 -0.07
C ALA C 95 13.11 10.42 -0.26
N HIS C 96 13.09 11.45 0.56
CA HIS C 96 14.11 12.50 0.50
C HIS C 96 15.42 12.01 1.12
N ALA C 97 16.53 12.45 0.54
CA ALA C 97 17.86 12.15 1.09
C ALA C 97 18.59 13.44 1.36
N VAL C 98 18.97 13.66 2.61
CA VAL C 98 19.65 14.88 2.98
C VAL C 98 21.15 14.65 2.87
N VAL C 99 21.83 15.42 2.00
CA VAL C 99 23.27 15.28 1.81
C VAL C 99 23.98 16.16 2.85
N ASP C 100 24.61 15.50 3.83
CA ASP C 100 25.09 16.10 5.08
C ASP C 100 26.60 15.98 5.19
N PRO C 101 27.38 17.07 4.88
CA PRO C 101 28.80 17.10 5.25
C PRO C 101 28.90 17.17 6.75
N HIS C 102 29.25 16.04 7.39
CA HIS C 102 29.24 15.89 8.83
C HIS C 102 30.57 16.36 9.42
N ASN C 103 30.78 17.67 9.37
CA ASN C 103 32.12 18.23 9.58
C ASN C 103 32.25 19.24 10.71
N PHE C 104 31.14 19.74 11.26
CA PHE C 104 31.17 20.68 12.38
C PHE C 104 31.79 22.01 11.98
N GLY C 105 31.61 22.41 10.73
CA GLY C 105 32.15 23.67 10.25
C GLY C 105 33.66 23.67 10.16
N ARG C 106 34.28 22.51 10.01
CA ARG C 106 35.73 22.45 9.99
C ARG C 106 36.20 21.53 8.87
N TYR C 107 37.32 21.92 8.27
CA TYR C 107 37.94 21.17 7.19
C TYR C 107 39.38 20.86 7.59
N TYR C 108 39.73 19.56 7.57
CA TYR C 108 41.00 19.08 8.13
C TYR C 108 41.30 19.77 9.46
N GLY C 109 40.29 19.89 10.31
CA GLY C 109 40.48 20.50 11.62
C GLY C 109 40.13 21.97 11.73
N THR C 110 40.72 22.81 10.88
CA THR C 110 40.54 24.26 11.05
C THR C 110 39.10 24.66 10.75
N PRO C 111 38.55 25.62 11.48
CA PRO C 111 37.26 26.18 11.06
C PRO C 111 37.35 26.76 9.67
N ILE C 112 36.30 26.52 8.90
CA ILE C 112 36.27 27.04 7.54
C ILE C 112 35.99 28.53 7.61
N SER C 113 36.89 29.33 7.04
CA SER C 113 36.77 30.78 7.05
C SER C 113 36.89 31.41 5.66
N SER C 114 36.69 30.63 4.59
CA SER C 114 36.58 31.17 3.24
C SER C 114 35.19 30.87 2.72
N THR C 115 34.37 31.90 2.58
CA THR C 115 33.07 31.71 1.96
C THR C 115 33.22 31.39 0.47
N SER C 116 34.27 31.90 -0.17
CA SER C 116 34.49 31.55 -1.56
C SER C 116 34.84 30.07 -1.73
N ASP C 117 35.67 29.53 -0.84
CA ASP C 117 36.00 28.12 -0.94
C ASP C 117 34.81 27.25 -0.58
N PHE C 118 33.98 27.68 0.37
CA PHE C 118 32.85 26.86 0.78
C PHE C 118 31.82 26.77 -0.32
N GLN C 119 31.60 27.85 -1.06
CA GLN C 119 30.63 27.85 -2.15
C GLN C 119 31.14 27.05 -3.33
N THR C 120 32.46 27.06 -3.56
CA THR C 120 33.06 26.21 -4.59
C THR C 120 32.91 24.73 -4.23
N PHE C 121 33.10 24.39 -2.95
CA PHE C 121 32.82 23.03 -2.48
C PHE C 121 31.38 22.63 -2.78
N TRP C 122 30.43 23.54 -2.51
CA TRP C 122 29.03 23.19 -2.58
C TRP C 122 28.54 23.10 -4.02
N SER C 123 29.00 24.03 -4.88
CA SER C 123 28.79 23.92 -6.32
C SER C 123 29.24 22.55 -6.83
N THR C 124 30.48 22.17 -6.54
CA THR C 124 31.00 20.88 -6.98
C THR C 124 30.08 19.76 -6.54
N LEU C 125 29.77 19.70 -5.25
CA LEU C 125 28.91 18.64 -4.76
C LEU C 125 27.52 18.75 -5.39
N ALA C 126 26.84 19.89 -5.26
CA ALA C 126 25.44 19.97 -5.62
C ALA C 126 25.20 19.76 -7.12
N SER C 127 26.20 20.03 -7.97
CA SER C 127 26.03 19.81 -9.41
C SER C 127 25.82 18.32 -9.72
N GLN C 128 26.23 17.42 -8.83
CA GLN C 128 26.05 15.99 -9.05
C GLN C 128 24.66 15.51 -8.66
N PHE C 129 23.82 16.38 -8.09
CA PHE C 129 22.46 15.99 -7.71
C PHE C 129 21.42 16.99 -8.22
N LYS C 130 21.77 17.87 -9.16
CA LYS C 130 20.95 19.05 -9.45
C LYS C 130 19.59 18.71 -10.05
N SER C 131 19.46 17.53 -10.68
CA SER C 131 18.21 17.06 -11.28
C SER C 131 17.40 16.16 -10.37
N ASN C 132 17.89 15.88 -9.16
CA ASN C 132 17.19 15.00 -8.22
C ASN C 132 16.39 15.88 -7.25
N ASP C 133 15.08 15.99 -7.49
CA ASP C 133 14.26 16.88 -6.68
C ASP C 133 14.06 16.34 -5.27
N LEU C 134 14.33 15.05 -5.05
CA LEU C 134 14.22 14.44 -3.73
C LEU C 134 15.49 14.55 -2.90
N VAL C 135 16.54 15.13 -3.42
CA VAL C 135 17.71 15.39 -2.61
C VAL C 135 17.49 16.69 -1.83
N ILE C 136 17.96 16.71 -0.57
CA ILE C 136 17.96 17.88 0.29
C ILE C 136 19.40 18.19 0.70
N PHE C 137 19.82 19.44 0.53
CA PHE C 137 21.19 19.83 0.84
C PHE C 137 21.29 20.38 2.26
N ASP C 138 22.28 19.91 3.01
CA ASP C 138 22.48 20.26 4.41
C ASP C 138 23.84 20.95 4.52
N THR C 139 23.83 22.28 4.74
CA THR C 139 25.03 23.11 4.51
C THR C 139 26.26 22.59 5.26
N ASN C 140 26.07 22.20 6.51
CA ASN C 140 27.10 21.59 7.37
C ASN C 140 26.42 21.16 8.66
N ASN C 141 26.93 20.09 9.25
CA ASN C 141 26.36 19.52 10.47
C ASN C 141 27.02 20.16 11.69
N GLU C 142 26.22 20.85 12.50
CA GLU C 142 26.62 21.25 13.83
C GLU C 142 27.86 22.17 13.82
N TYR C 143 27.68 23.38 13.26
CA TYR C 143 28.69 24.42 13.46
C TYR C 143 28.82 24.70 14.95
N HIS C 144 30.06 24.81 15.43
CA HIS C 144 30.28 25.16 16.83
C HIS C 144 31.58 25.92 16.95
N ASP C 145 31.70 26.67 18.04
CA ASP C 145 32.97 27.30 18.46
C ASP C 145 33.63 28.07 17.30
N MET C 146 32.83 28.91 16.65
CA MET C 146 33.30 29.78 15.57
C MET C 146 32.40 31.01 15.59
N ASP C 147 32.84 32.06 14.93
CA ASP C 147 32.10 33.30 15.06
C ASP C 147 30.75 33.17 14.36
N GLU C 148 29.74 33.84 14.92
CA GLU C 148 28.37 33.67 14.44
C GLU C 148 28.23 34.07 12.98
N SER C 149 28.77 35.23 12.58
CA SER C 149 28.51 35.68 11.22
C SER C 149 29.43 35.05 10.18
N VAL C 150 30.53 34.43 10.59
CA VAL C 150 31.16 33.43 9.73
C VAL C 150 30.19 32.30 9.41
N VAL C 151 29.50 31.77 10.43
CA VAL C 151 28.54 30.67 10.23
C VAL C 151 27.44 31.10 9.28
N VAL C 152 26.81 32.24 9.59
CA VAL C 152 25.73 32.74 8.74
C VAL C 152 26.23 32.98 7.32
N ALA C 153 27.45 33.52 7.18
CA ALA C 153 28.01 33.69 5.85
C ALA C 153 28.18 32.35 5.17
N LEU C 154 28.64 31.34 5.91
CA LEU C 154 28.88 30.03 5.29
C LEU C 154 27.57 29.42 4.78
N ASN C 155 26.51 29.56 5.56
CA ASN C 155 25.21 29.06 5.11
C ASN C 155 24.81 29.70 3.79
N GLN C 156 24.99 31.02 3.69
CA GLN C 156 24.65 31.75 2.47
C GLN C 156 25.55 31.34 1.32
N ALA C 157 26.85 31.18 1.60
CA ALA C 157 27.78 30.66 0.60
C ALA C 157 27.32 29.30 0.07
N ALA C 158 27.00 28.38 0.99
CA ALA C 158 26.41 27.10 0.61
C ALA C 158 25.17 27.30 -0.26
N ILE C 159 24.26 28.17 0.18
CA ILE C 159 23.05 28.45 -0.60
C ILE C 159 23.42 28.92 -2.01
N ASP C 160 24.46 29.74 -2.13
CA ASP C 160 24.79 30.31 -3.41
C ASP C 160 25.37 29.26 -4.36
N GLY C 161 26.42 28.56 -3.92
CA GLY C 161 26.99 27.48 -4.72
C GLY C 161 25.98 26.42 -5.16
N ILE C 162 24.99 26.12 -4.30
CA ILE C 162 24.01 25.11 -4.67
C ILE C 162 23.11 25.63 -5.80
N ARG C 163 22.65 26.89 -5.68
CA ARG C 163 21.76 27.45 -6.70
C ARG C 163 22.53 27.73 -8.00
N ASP C 164 23.71 28.36 -7.90
CA ASP C 164 24.56 28.61 -9.08
C ASP C 164 24.97 27.31 -9.79
N ALA C 165 24.88 26.16 -9.13
CA ALA C 165 25.14 24.86 -9.74
C ALA C 165 23.89 24.33 -10.42
N GLY C 166 22.83 25.12 -10.44
CA GLY C 166 21.60 24.72 -11.07
C GLY C 166 20.78 23.76 -10.27
N ALA C 167 21.15 23.51 -9.02
CA ALA C 167 20.34 22.67 -8.11
C ALA C 167 19.35 23.61 -7.43
N THR C 168 18.20 23.78 -8.07
CA THR C 168 17.30 24.87 -7.73
C THR C 168 15.92 24.40 -7.28
N THR C 169 15.60 23.11 -7.42
CA THR C 169 14.38 22.50 -6.89
C THR C 169 14.54 21.95 -5.48
N GLN C 170 15.75 21.86 -4.96
CA GLN C 170 16.04 21.11 -3.75
C GLN C 170 15.96 22.00 -2.51
N TYR C 171 15.27 21.52 -1.48
CA TYR C 171 15.33 22.16 -0.16
C TYR C 171 16.77 22.28 0.30
N ILE C 172 17.10 23.39 0.95
CA ILE C 172 18.39 23.54 1.61
C ILE C 172 18.15 23.57 3.11
N PHE C 173 18.74 22.60 3.81
CA PHE C 173 18.73 22.59 5.26
C PHE C 173 19.93 23.39 5.75
N VAL C 174 19.66 24.48 6.48
CA VAL C 174 20.70 25.34 7.02
C VAL C 174 20.79 25.07 8.53
N GLU C 175 22.02 25.07 9.05
CA GLU C 175 22.30 24.78 10.44
C GLU C 175 22.99 25.95 11.12
N GLY C 176 22.85 26.01 12.45
CA GLY C 176 23.32 27.13 13.23
C GLY C 176 24.60 26.84 13.99
N ASN C 177 25.02 27.83 14.78
CA ASN C 177 26.15 27.70 15.68
C ASN C 177 25.73 26.89 16.88
N ALA C 178 26.69 26.64 17.77
CA ALA C 178 26.44 25.93 19.02
C ALA C 178 25.73 24.60 18.73
N TYR C 179 26.32 23.84 17.81
CA TYR C 179 25.84 22.53 17.39
C TYR C 179 24.42 22.59 16.82
N SER C 180 23.95 23.80 16.51
CA SER C 180 22.64 24.02 15.91
C SER C 180 21.54 23.47 16.80
N GLY C 181 21.77 23.53 18.11
CA GLY C 181 20.75 23.10 19.05
C GLY C 181 19.54 24.02 18.99
N ALA C 182 18.38 23.46 19.33
CA ALA C 182 17.17 24.26 19.34
C ALA C 182 16.93 24.94 20.69
N TRP C 183 17.52 24.42 21.77
CA TRP C 183 17.32 25.06 23.07
C TRP C 183 18.18 26.31 23.24
N THR C 184 19.33 26.37 22.58
CA THR C 184 20.18 27.56 22.61
C THR C 184 19.98 28.42 21.36
N TRP C 185 18.90 28.22 20.62
CA TRP C 185 18.83 28.85 19.31
C TRP C 185 18.65 30.35 19.44
N THR C 186 17.70 30.79 20.25
CA THR C 186 17.52 32.22 20.36
C THR C 186 18.64 32.92 21.15
N THR C 187 19.67 32.18 21.57
CA THR C 187 20.81 32.74 22.28
C THR C 187 21.99 33.01 21.36
N TYR C 188 22.25 32.15 20.38
CA TYR C 188 23.38 32.33 19.50
C TYR C 188 23.01 32.47 18.04
N ASN C 189 21.79 32.13 17.62
CA ASN C 189 21.48 31.95 16.19
C ASN C 189 20.33 32.83 15.75
N THR C 190 20.30 34.08 16.25
CA THR C 190 19.29 35.04 15.84
C THR C 190 19.64 35.68 14.49
N ALA C 191 20.93 35.80 14.18
CA ALA C 191 21.36 36.38 12.91
C ALA C 191 21.06 35.49 11.71
N MET C 192 20.56 34.26 11.90
CA MET C 192 20.32 33.36 10.77
C MET C 192 19.03 33.67 10.02
N VAL C 193 18.24 34.66 10.46
CA VAL C 193 17.17 35.18 9.61
C VAL C 193 17.73 35.78 8.34
N ASN C 194 18.92 36.38 8.42
CA ASN C 194 19.53 37.03 7.27
C ASN C 194 20.10 36.02 6.28
N LEU C 195 19.32 35.00 5.91
CA LEU C 195 19.69 34.07 4.85
C LEU C 195 18.61 34.13 3.79
N THR C 196 19.01 34.20 2.52
CA THR C 196 18.04 34.24 1.43
C THR C 196 18.34 33.16 0.41
N ASP C 197 17.35 32.88 -0.39
CA ASP C 197 17.48 31.82 -1.37
C ASP C 197 16.52 32.13 -2.51
N PRO C 198 17.02 32.26 -3.75
CA PRO C 198 16.15 32.62 -4.86
C PRO C 198 14.99 31.67 -5.08
N SER C 199 15.15 30.37 -4.77
CA SER C 199 14.03 29.45 -4.82
C SER C 199 13.19 29.49 -3.56
N ASP C 200 13.68 30.13 -2.50
CA ASP C 200 12.94 30.24 -1.25
C ASP C 200 12.56 28.86 -0.70
N LEU C 201 13.57 28.00 -0.52
CA LEU C 201 13.39 26.66 0.05
C LEU C 201 14.38 26.43 1.18
N ILE C 202 14.57 27.44 2.02
CA ILE C 202 15.44 27.31 3.19
C ILE C 202 14.63 26.68 4.31
N VAL C 203 15.17 25.64 4.92
CA VAL C 203 14.57 25.05 6.11
C VAL C 203 15.62 25.07 7.21
N TYR C 204 15.19 25.43 8.42
CA TYR C 204 16.09 25.64 9.54
C TYR C 204 16.20 24.32 10.28
N GLU C 205 17.39 23.73 10.27
CA GLU C 205 17.60 22.42 10.86
C GLU C 205 18.22 22.59 12.25
N MET C 206 17.51 22.13 13.27
CA MET C 206 17.95 22.16 14.65
C MET C 206 18.06 20.73 15.16
N HIS C 207 18.96 20.51 16.09
CA HIS C 207 19.01 19.25 16.80
C HIS C 207 18.54 19.44 18.23
N GLN C 208 18.19 18.33 18.88
CA GLN C 208 17.87 18.38 20.31
C GLN C 208 18.07 17.00 20.92
N TYR C 209 18.90 16.94 21.96
CA TYR C 209 19.04 15.77 22.81
C TYR C 209 18.50 16.12 24.19
N LEU C 210 18.15 15.11 24.97
CA LEU C 210 17.39 15.39 26.19
C LEU C 210 18.15 15.13 27.48
N ASP C 211 19.39 14.68 27.42
CA ASP C 211 20.24 14.55 28.60
C ASP C 211 20.74 15.93 29.07
N SER C 212 21.49 15.95 30.18
CA SER C 212 21.78 17.21 30.90
C SER C 212 22.36 18.26 29.98
N ASP C 213 23.54 17.99 29.40
CA ASP C 213 24.26 18.94 28.56
C ASP C 213 23.75 18.96 27.12
N GLY C 214 22.82 18.09 26.74
CA GLY C 214 22.34 18.07 25.38
C GLY C 214 23.25 17.38 24.38
N SER C 215 24.35 16.77 24.84
CA SER C 215 25.29 16.11 23.95
C SER C 215 24.74 14.86 23.28
N GLY C 216 23.63 14.29 23.79
CA GLY C 216 23.18 12.99 23.32
C GLY C 216 24.24 11.92 23.47
N THR C 217 24.84 11.82 24.66
CA THR C 217 25.82 10.78 24.99
C THR C 217 25.37 9.91 26.16
N SER C 218 24.14 10.08 26.65
CA SER C 218 23.63 9.22 27.71
C SER C 218 22.19 8.87 27.38
N ASP C 219 21.72 7.76 27.94
CA ASP C 219 20.35 7.31 27.76
C ASP C 219 19.40 7.83 28.84
N GLN C 220 19.83 8.81 29.65
CA GLN C 220 19.00 9.40 30.68
C GLN C 220 18.55 10.79 30.26
N CYS C 221 17.25 11.03 30.38
CA CYS C 221 16.69 12.36 30.20
C CYS C 221 16.65 13.11 31.52
N VAL C 222 16.71 14.44 31.45
CA VAL C 222 16.58 15.28 32.63
C VAL C 222 15.21 15.09 33.28
N SER C 223 14.15 15.09 32.46
CA SER C 223 12.80 14.90 32.96
C SER C 223 11.91 14.43 31.81
N SER C 224 10.66 14.15 32.14
CA SER C 224 9.66 13.78 31.15
C SER C 224 9.05 14.98 30.43
N THR C 225 9.48 16.20 30.77
CA THR C 225 9.03 17.40 30.08
C THR C 225 10.17 18.18 29.46
N VAL C 226 11.38 17.61 29.48
CA VAL C 226 12.55 18.37 29.05
C VAL C 226 12.53 18.61 27.54
N GLY C 227 11.93 17.68 26.77
CA GLY C 227 11.92 17.81 25.33
C GLY C 227 11.01 18.91 24.85
N GLN C 228 9.78 18.96 25.39
CA GLN C 228 8.89 20.08 25.11
C GLN C 228 9.52 21.39 25.52
N GLU C 229 10.05 21.43 26.74
CA GLU C 229 10.69 22.64 27.26
C GLU C 229 11.74 23.19 26.29
N ARG C 230 12.57 22.32 25.74
CA ARG C 230 13.73 22.72 24.99
C ARG C 230 13.42 23.11 23.55
N VAL C 231 12.15 23.13 23.13
CA VAL C 231 11.82 23.44 21.75
C VAL C 231 10.80 24.57 21.65
N VAL C 232 10.52 25.24 22.77
CA VAL C 232 9.53 26.32 22.77
C VAL C 232 10.11 27.59 22.20
N ASP C 233 11.28 28.00 22.70
CA ASP C 233 11.92 29.18 22.16
C ASP C 233 12.19 29.04 20.66
N ALA C 234 12.71 27.88 20.26
CA ALA C 234 13.00 27.65 18.86
C ALA C 234 11.74 27.74 18.02
N THR C 235 10.61 27.27 18.56
CA THR C 235 9.40 27.26 17.77
C THR C 235 8.90 28.68 17.52
N THR C 236 8.84 29.52 18.55
CA THR C 236 8.30 30.87 18.38
C THR C 236 9.20 31.72 17.51
N TRP C 237 10.54 31.55 17.59
CA TRP C 237 11.43 32.25 16.68
C TRP C 237 11.15 31.89 15.22
N LEU C 238 10.70 30.65 14.98
CA LEU C 238 10.26 30.25 13.65
C LEU C 238 8.93 30.89 13.29
N GLN C 239 8.00 30.95 14.24
CA GLN C 239 6.74 31.65 13.99
C GLN C 239 6.95 33.16 13.97
N SER C 240 7.89 33.67 14.77
CA SER C 240 8.13 35.12 14.82
C SER C 240 8.68 35.62 13.49
N ASN C 241 9.72 34.98 13.00
CA ASN C 241 10.45 35.47 11.85
C ASN C 241 9.92 34.90 10.53
N GLY C 242 8.80 34.17 10.56
CA GLY C 242 8.22 33.63 9.35
C GLY C 242 9.12 32.63 8.64
N LYS C 243 9.67 31.70 9.41
CA LYS C 243 10.59 30.69 8.91
C LYS C 243 9.97 29.31 9.09
N LEU C 244 10.70 28.32 8.61
CA LEU C 244 10.33 26.92 8.77
C LEU C 244 11.54 26.15 9.30
N GLY C 245 11.25 25.02 9.96
CA GLY C 245 12.27 24.27 10.65
C GLY C 245 12.06 22.77 10.53
N ILE C 246 13.15 22.04 10.71
CA ILE C 246 13.13 20.58 10.81
C ILE C 246 14.07 20.17 11.94
N LEU C 247 13.68 19.16 12.72
CA LEU C 247 14.52 18.62 13.78
C LEU C 247 15.32 17.44 13.22
N GLY C 248 16.48 17.77 12.67
CA GLY C 248 17.22 16.76 11.91
C GLY C 248 17.96 15.74 12.74
N GLU C 249 18.14 16.00 14.03
CA GLU C 249 18.67 15.01 14.97
C GLU C 249 17.83 15.08 16.23
N PHE C 250 17.59 13.93 16.84
CA PHE C 250 17.03 13.81 18.19
C PHE C 250 17.03 12.35 18.60
N ALA C 251 16.98 12.12 19.91
CA ALA C 251 17.02 10.78 20.48
C ALA C 251 16.67 10.80 21.96
N GLY C 252 16.06 9.71 22.43
CA GLY C 252 15.81 9.52 23.84
C GLY C 252 16.28 8.13 24.22
N GLY C 253 16.46 7.93 25.53
CA GLY C 253 16.93 6.64 26.00
C GLY C 253 15.81 5.64 26.07
N ALA C 254 16.19 4.35 26.03
CA ALA C 254 15.22 3.25 26.09
C ALA C 254 14.72 3.08 27.53
N ASN C 255 13.85 4.01 27.92
CA ASN C 255 13.26 4.02 29.25
C ASN C 255 12.04 4.91 29.18
N SER C 256 11.18 4.78 30.19
CA SER C 256 9.88 5.44 30.15
C SER C 256 10.01 6.96 30.13
N VAL C 257 10.83 7.54 31.03
CA VAL C 257 10.87 9.00 31.15
C VAL C 257 11.36 9.62 29.86
N CYS C 258 12.47 9.10 29.31
CA CYS C 258 12.94 9.53 28.00
C CYS C 258 11.87 9.39 26.94
N GLU C 259 11.18 8.25 26.92
CA GLU C 259 10.11 8.07 25.96
C GLU C 259 9.01 9.11 26.14
N GLU C 260 8.64 9.40 27.39
CA GLU C 260 7.65 10.43 27.67
C GLU C 260 8.10 11.78 27.12
N ALA C 261 9.39 12.09 27.28
CA ALA C 261 9.86 13.43 26.94
C ALA C 261 10.04 13.59 25.44
N VAL C 262 10.44 12.53 24.75
CA VAL C 262 10.40 12.54 23.30
C VAL C 262 8.96 12.74 22.83
N GLU C 263 8.01 12.03 23.44
CA GLU C 263 6.63 12.13 22.98
C GLU C 263 6.05 13.51 23.24
N GLY C 264 6.37 14.12 24.37
CA GLY C 264 5.86 15.45 24.64
C GLY C 264 6.48 16.50 23.73
N MET C 265 7.74 16.30 23.37
CA MET C 265 8.41 17.18 22.43
C MET C 265 7.79 17.10 21.04
N LEU C 266 7.64 15.88 20.52
CA LEU C 266 7.05 15.69 19.21
C LEU C 266 5.61 16.19 19.18
N ASP C 267 4.88 15.98 20.26
CA ASP C 267 3.55 16.56 20.37
C ASP C 267 3.61 18.08 20.24
N TYR C 268 4.60 18.71 20.87
CA TYR C 268 4.71 20.16 20.77
C TYR C 268 5.05 20.58 19.34
N LEU C 269 5.98 19.87 18.69
CA LEU C 269 6.28 20.17 17.30
C LEU C 269 5.06 19.99 16.43
N ALA C 270 4.33 18.88 16.60
CA ALA C 270 3.19 18.60 15.73
C ALA C 270 2.06 19.59 15.96
N GLU C 271 1.92 20.11 17.17
CA GLU C 271 1.01 21.23 17.36
C GLU C 271 1.47 22.47 16.60
N ASN C 272 2.77 22.69 16.54
CA ASN C 272 3.36 23.80 15.78
C ASN C 272 3.74 23.41 14.36
N SER C 273 2.92 22.56 13.72
CA SER C 273 3.24 21.93 12.44
C SER C 273 3.35 22.94 11.30
N ASP C 274 2.82 24.16 11.47
CA ASP C 274 2.94 25.15 10.42
C ASP C 274 4.36 25.68 10.27
N VAL C 275 5.25 25.47 11.25
CA VAL C 275 6.66 25.80 11.07
C VAL C 275 7.57 24.59 11.16
N TRP C 276 7.12 23.46 11.71
CA TRP C 276 7.94 22.27 11.85
C TRP C 276 7.52 21.31 10.76
N LEU C 277 8.44 21.01 9.84
CA LEU C 277 8.10 20.13 8.73
C LEU C 277 8.31 18.66 9.08
N GLY C 278 8.93 18.38 10.21
CA GLY C 278 9.13 17.01 10.65
C GLY C 278 10.42 16.88 11.43
N ALA C 279 10.84 15.63 11.61
CA ALA C 279 11.99 15.33 12.45
C ALA C 279 12.75 14.14 11.88
N SER C 280 13.98 13.97 12.37
CA SER C 280 14.81 12.83 11.98
C SER C 280 15.56 12.28 13.19
N TRP C 281 15.48 10.97 13.37
CA TRP C 281 16.08 10.31 14.52
C TRP C 281 17.60 10.16 14.36
N TRP C 282 18.32 10.24 15.48
CA TRP C 282 19.75 9.90 15.52
C TRP C 282 19.92 8.64 16.36
N SER C 283 20.34 7.52 15.77
CA SER C 283 20.65 7.33 14.37
C SER C 283 20.48 5.87 13.98
N ALA C 284 20.28 5.63 12.69
CA ALA C 284 20.39 4.32 12.07
C ALA C 284 21.77 4.17 11.43
N GLY C 285 22.01 3.04 10.77
CA GLY C 285 23.32 2.73 10.25
C GLY C 285 23.78 1.36 10.68
N PRO C 286 24.67 0.74 9.90
CA PRO C 286 24.95 -0.70 10.12
C PRO C 286 26.18 -1.00 10.97
N TRP C 287 26.81 0.00 11.58
CA TRP C 287 27.97 -0.25 12.43
C TRP C 287 27.76 0.23 13.88
N TRP C 288 26.50 0.47 14.28
CA TRP C 288 26.19 1.01 15.59
C TRP C 288 26.25 -0.02 16.72
N GLN C 289 26.07 -1.32 16.42
CA GLN C 289 26.04 -2.40 17.42
C GLN C 289 25.05 -1.98 18.51
N ASP C 290 25.45 -2.03 19.79
CA ASP C 290 24.62 -1.89 20.97
C ASP C 290 24.36 -0.44 21.34
N TYR C 291 24.63 0.49 20.42
CA TYR C 291 24.45 1.91 20.65
C TYR C 291 23.10 2.22 21.26
N ILE C 292 23.08 3.17 22.20
CA ILE C 292 21.86 3.52 22.94
C ILE C 292 20.77 4.11 22.06
N TYR C 293 21.11 4.58 20.85
CA TYR C 293 20.15 5.25 19.98
C TYR C 293 19.94 4.54 18.64
N SER C 294 20.51 3.36 18.46
CA SER C 294 20.47 2.70 17.16
C SER C 294 19.03 2.39 16.73
N MET C 295 18.60 3.02 15.63
CA MET C 295 17.33 2.74 14.98
C MET C 295 17.48 1.67 13.92
N GLU C 296 18.63 1.00 13.87
CA GLU C 296 18.91 0.07 12.79
C GLU C 296 18.23 -1.28 13.04
N PRO C 297 17.44 -1.79 12.10
CA PRO C 297 16.79 -3.08 12.29
C PRO C 297 17.76 -4.21 12.04
N PRO C 298 17.52 -5.39 12.65
CA PRO C 298 16.40 -5.81 13.49
C PRO C 298 16.59 -5.62 15.02
N ASN C 299 17.83 -5.33 15.42
CA ASN C 299 18.24 -5.36 16.81
C ASN C 299 18.18 -4.02 17.51
N GLY C 300 18.43 -2.93 16.79
CA GLY C 300 18.73 -1.65 17.40
C GLY C 300 17.90 -1.34 18.61
N ILE C 301 18.55 -0.86 19.68
CA ILE C 301 17.84 -0.56 20.92
C ILE C 301 16.68 0.39 20.66
N ALA C 302 16.92 1.49 19.96
CA ALA C 302 15.84 2.44 19.73
C ALA C 302 14.81 1.90 18.75
N TYR C 303 15.24 1.05 17.82
CA TYR C 303 14.29 0.38 16.93
C TYR C 303 13.25 -0.40 17.73
N GLU C 304 13.71 -1.19 18.71
CA GLU C 304 12.79 -1.97 19.54
C GLU C 304 11.82 -1.08 20.29
N SER C 305 12.31 0.04 20.83
CA SER C 305 11.51 0.83 21.76
C SER C 305 10.92 2.10 21.15
N TYR C 306 11.60 2.78 20.25
CA TYR C 306 11.04 4.05 19.80
C TYR C 306 10.27 3.96 18.50
N LEU C 307 10.65 3.08 17.57
CA LEU C 307 9.91 3.01 16.31
C LEU C 307 8.41 2.77 16.54
N PRO C 308 7.99 1.90 17.44
CA PRO C 308 6.55 1.83 17.74
C PRO C 308 5.97 3.17 18.14
N ILE C 309 6.70 3.93 18.93
CA ILE C 309 6.24 5.26 19.31
C ILE C 309 6.21 6.18 18.10
N LEU C 310 7.36 6.34 17.42
CA LEU C 310 7.49 7.30 16.31
C LEU C 310 6.45 7.05 15.22
N GLU C 311 6.11 5.78 14.97
CA GLU C 311 5.14 5.43 13.93
C GLU C 311 3.81 6.15 14.13
N THR C 312 3.41 6.38 15.38
CA THR C 312 2.15 7.07 15.65
C THR C 312 2.14 8.48 15.03
N TYR C 313 3.30 8.99 14.62
CA TYR C 313 3.43 10.32 14.01
C TYR C 313 3.61 10.30 12.50
N PHE C 314 3.92 9.14 11.92
CA PHE C 314 4.23 9.09 10.49
C PHE C 314 3.03 9.53 9.66
N ALA D 10 -21.18 -12.47 31.91
CA ALA D 10 -21.64 -11.09 31.80
C ALA D 10 -21.81 -10.67 30.34
N SER D 11 -21.66 -9.38 30.05
CA SER D 11 -22.07 -8.83 28.76
C SER D 11 -20.99 -8.99 27.70
N SER D 12 -21.41 -8.75 26.45
CA SER D 12 -20.54 -8.81 25.28
C SER D 12 -20.05 -7.43 24.85
N PHE D 13 -20.86 -6.41 25.06
CA PHE D 13 -20.48 -5.04 24.77
C PHE D 13 -20.33 -4.25 26.05
N GLU D 14 -19.52 -3.19 25.98
CA GLU D 14 -19.40 -2.30 27.14
C GLU D 14 -20.71 -1.56 27.39
N TRP D 15 -21.35 -1.10 26.33
CA TRP D 15 -22.64 -0.42 26.40
C TRP D 15 -23.70 -1.24 25.68
N PHE D 16 -24.95 -1.03 26.07
CA PHE D 16 -26.09 -1.49 25.30
C PHE D 16 -27.32 -0.81 25.84
N GLY D 17 -28.00 -0.03 25.03
CA GLY D 17 -29.08 0.77 25.55
C GLY D 17 -30.15 1.07 24.57
N SER D 18 -30.81 2.21 24.77
CA SER D 18 -31.89 2.66 23.92
C SER D 18 -31.93 4.19 23.93
N ASN D 19 -32.14 4.76 22.75
CA ASN D 19 -32.56 6.16 22.60
C ASN D 19 -33.82 6.44 23.42
N GLU D 20 -34.08 7.71 23.70
CA GLU D 20 -35.24 8.10 24.51
C GLU D 20 -35.74 9.40 23.90
N SER D 21 -36.74 9.31 23.04
CA SER D 21 -37.13 10.47 22.25
C SER D 21 -38.28 11.22 22.90
N GLY D 22 -38.58 12.40 22.34
CA GLY D 22 -39.70 13.19 22.79
C GLY D 22 -39.43 14.67 22.74
N ALA D 23 -38.25 15.10 23.21
CA ALA D 23 -37.94 16.52 23.28
C ALA D 23 -37.62 17.10 21.90
N GLU D 24 -37.21 16.23 20.98
CA GLU D 24 -36.99 16.60 19.58
C GLU D 24 -38.27 16.57 18.76
N PHE D 25 -39.38 16.06 19.30
CA PHE D 25 -40.61 15.94 18.53
C PHE D 25 -41.19 17.32 18.21
N GLY D 26 -42.09 17.34 17.22
CA GLY D 26 -42.72 18.58 16.81
C GLY D 26 -41.77 19.58 16.19
N SER D 27 -40.67 19.12 15.57
CA SER D 27 -39.58 20.03 15.25
C SER D 27 -39.98 21.14 14.31
N GLY D 28 -41.19 21.09 13.75
CA GLY D 28 -41.68 22.21 12.98
C GLY D 28 -42.27 23.33 13.79
N ASN D 29 -42.18 23.26 15.11
CA ASN D 29 -42.77 24.23 16.03
C ASN D 29 -41.67 24.66 17.01
N ILE D 30 -40.93 25.70 16.64
CA ILE D 30 -39.91 26.29 17.48
C ILE D 30 -40.45 27.60 18.03
N PRO D 31 -40.46 27.81 19.35
CA PRO D 31 -39.95 26.86 20.34
C PRO D 31 -40.90 25.68 20.57
N GLY D 32 -42.17 25.86 20.24
CA GLY D 32 -43.15 24.84 20.59
C GLY D 32 -43.38 24.80 22.08
N VAL D 33 -44.54 24.34 22.51
CA VAL D 33 -44.91 24.32 23.92
C VAL D 33 -44.89 22.88 24.42
N GLU D 34 -44.40 22.69 25.63
CA GLU D 34 -44.19 21.35 26.16
C GLU D 34 -45.50 20.69 26.58
N GLY D 35 -45.70 19.44 26.16
CA GLY D 35 -46.96 18.77 26.31
C GLY D 35 -47.84 18.82 25.08
N THR D 36 -47.56 19.70 24.12
CA THR D 36 -48.33 19.77 22.89
C THR D 36 -47.48 19.50 21.66
N ASP D 37 -46.33 20.13 21.54
CA ASP D 37 -45.44 19.81 20.44
C ASP D 37 -44.38 18.79 20.83
N TYR D 38 -44.02 18.73 22.10
CA TYR D 38 -42.94 17.85 22.52
C TYR D 38 -43.14 17.48 23.99
N THR D 39 -42.27 16.61 24.47
CA THR D 39 -42.34 16.17 25.84
C THR D 39 -41.00 15.57 26.20
N PHE D 40 -40.82 15.30 27.47
CA PHE D 40 -39.54 14.79 27.90
C PHE D 40 -39.66 13.31 28.16
N PRO D 41 -38.54 12.59 28.18
CA PRO D 41 -38.59 11.15 28.46
C PRO D 41 -39.06 10.84 29.87
N ASN D 42 -39.65 9.66 30.00
CA ASN D 42 -40.32 9.19 31.20
C ASN D 42 -39.30 8.49 32.08
N THR D 43 -39.09 9.06 33.29
CA THR D 43 -38.13 8.53 34.25
C THR D 43 -38.53 7.14 34.75
N THR D 44 -39.81 6.93 35.00
CA THR D 44 -40.29 5.59 35.35
C THR D 44 -39.96 4.62 34.23
N ALA D 45 -40.51 4.86 33.03
CA ALA D 45 -40.25 4.00 31.88
C ALA D 45 -38.76 3.74 31.71
N ILE D 46 -37.92 4.78 31.81
CA ILE D 46 -36.48 4.60 31.70
C ILE D 46 -36.00 3.58 32.74
N GLN D 47 -36.45 3.71 34.00
CA GLN D 47 -35.99 2.80 35.04
C GLN D 47 -36.30 1.35 34.68
N ILE D 48 -37.46 1.07 34.07
CA ILE D 48 -37.81 -0.28 33.65
C ILE D 48 -36.72 -0.87 32.75
N LEU D 49 -36.16 -0.03 31.85
CA LEU D 49 -35.08 -0.47 30.97
C LEU D 49 -33.75 -0.58 31.71
N ILE D 50 -33.51 0.34 32.66
CA ILE D 50 -32.41 0.18 33.60
C ILE D 50 -32.51 -1.16 34.31
N ASP D 51 -33.70 -1.48 34.85
CA ASP D 51 -33.89 -2.75 35.55
C ASP D 51 -33.72 -3.93 34.60
N ALA D 52 -33.96 -3.71 33.29
CA ALA D 52 -33.79 -4.76 32.29
C ALA D 52 -32.32 -5.04 31.96
N GLY D 53 -31.41 -4.10 32.23
CA GLY D 53 -29.99 -4.32 31.99
C GLY D 53 -29.37 -3.35 31.02
N MET D 54 -30.11 -2.31 30.69
CA MET D 54 -29.60 -1.28 29.78
C MET D 54 -28.76 -0.25 30.55
N ASN D 55 -27.64 0.16 29.96
CA ASN D 55 -26.68 0.97 30.69
C ASN D 55 -26.30 2.26 29.96
N ILE D 56 -27.06 2.67 28.94
CA ILE D 56 -26.74 3.88 28.20
C ILE D 56 -27.99 4.34 27.46
N PHE D 57 -28.33 5.62 27.58
CA PHE D 57 -29.57 6.13 27.00
C PHE D 57 -29.30 7.41 26.22
N ARG D 58 -29.67 7.41 24.94
CA ARG D 58 -29.49 8.56 24.06
C ARG D 58 -30.76 9.41 24.08
N VAL D 59 -30.63 10.67 24.47
CA VAL D 59 -31.77 11.56 24.70
C VAL D 59 -31.70 12.70 23.69
N PRO D 60 -32.37 12.58 22.55
CA PRO D 60 -32.34 13.67 21.58
C PRO D 60 -33.08 14.92 22.10
N PHE D 61 -32.57 16.08 21.69
CA PHE D 61 -33.21 17.37 21.92
C PHE D 61 -32.95 18.23 20.69
N LEU D 62 -33.54 19.44 20.66
CA LEU D 62 -33.36 20.37 19.55
C LEU D 62 -32.41 21.49 19.96
N MET D 63 -31.48 21.81 19.07
CA MET D 63 -30.60 22.93 19.34
C MET D 63 -31.41 24.21 19.55
N GLU D 64 -32.39 24.46 18.68
CA GLU D 64 -33.12 25.72 18.70
C GLU D 64 -33.93 25.90 19.96
N ARG D 65 -34.24 24.81 20.66
CA ARG D 65 -34.98 24.90 21.91
C ARG D 65 -34.06 25.06 23.12
N MET D 66 -32.86 24.47 23.03
CA MET D 66 -31.88 24.51 24.09
C MET D 66 -31.24 25.90 24.19
N ILE D 67 -30.69 26.39 23.08
CA ILE D 67 -30.11 27.72 22.97
C ILE D 67 -30.82 28.43 21.83
N PRO D 68 -31.84 29.22 22.10
CA PRO D 68 -32.63 29.82 21.02
C PRO D 68 -31.91 30.97 20.32
N THR D 69 -32.50 31.36 19.18
CA THR D 69 -32.12 32.55 18.40
C THR D 69 -30.77 32.42 17.70
N GLU D 70 -29.67 32.56 18.42
CA GLU D 70 -28.38 32.29 17.84
C GLU D 70 -27.67 31.24 18.67
N MET D 71 -26.80 30.47 18.02
CA MET D 71 -26.21 29.37 18.74
C MET D 71 -25.12 29.83 19.71
N THR D 72 -24.79 31.11 19.69
CA THR D 72 -23.89 31.71 20.67
C THR D 72 -24.64 32.26 21.88
N GLY D 73 -25.94 31.95 22.02
CA GLY D 73 -26.79 32.57 23.01
C GLY D 73 -26.85 31.82 24.32
N SER D 74 -27.72 32.32 25.20
CA SER D 74 -27.91 31.73 26.52
C SER D 74 -28.79 30.50 26.43
N LEU D 75 -28.89 29.78 27.54
CA LEU D 75 -29.75 28.61 27.56
C LEU D 75 -31.20 29.02 27.77
N ASP D 76 -32.11 28.24 27.20
CA ASP D 76 -33.50 28.30 27.63
C ASP D 76 -33.61 27.38 28.83
N THR D 77 -33.62 27.99 30.01
CA THR D 77 -33.53 27.23 31.25
C THR D 77 -34.75 26.34 31.45
N ALA D 78 -35.93 26.83 31.03
CA ALA D 78 -37.11 25.98 31.05
C ALA D 78 -36.84 24.67 30.31
N TYR D 79 -36.54 24.76 29.01
CA TYR D 79 -36.25 23.55 28.23
C TYR D 79 -35.04 22.82 28.79
N PHE D 80 -34.04 23.55 29.28
CA PHE D 80 -32.84 22.87 29.73
C PHE D 80 -33.05 22.10 31.03
N GLU D 81 -33.95 22.56 31.89
CA GLU D 81 -34.13 21.85 33.16
C GLU D 81 -35.09 20.68 33.05
N GLY D 82 -35.92 20.64 32.01
CA GLY D 82 -36.57 19.38 31.67
C GLY D 82 -35.56 18.37 31.15
N TYR D 83 -34.66 18.83 30.30
CA TYR D 83 -33.68 17.95 29.67
C TYR D 83 -32.67 17.43 30.69
N SER D 84 -32.17 18.32 31.56
CA SER D 84 -31.19 17.89 32.57
C SER D 84 -31.81 16.93 33.58
N GLU D 85 -33.07 17.19 33.98
CA GLU D 85 -33.80 16.28 34.84
C GLU D 85 -33.72 14.84 34.35
N VAL D 86 -33.86 14.62 33.02
CA VAL D 86 -33.76 13.26 32.50
C VAL D 86 -32.31 12.79 32.43
N ILE D 87 -31.38 13.69 32.10
CA ILE D 87 -29.96 13.34 32.11
C ILE D 87 -29.51 13.03 33.52
N ASN D 88 -29.97 13.80 34.50
CA ASN D 88 -29.54 13.53 35.86
C ASN D 88 -30.19 12.26 36.40
N TYR D 89 -31.41 11.91 35.93
CA TYR D 89 -31.98 10.64 36.34
C TYR D 89 -31.14 9.47 35.83
N ILE D 90 -30.77 9.50 34.55
CA ILE D 90 -30.00 8.39 33.97
C ILE D 90 -28.66 8.25 34.67
N THR D 91 -27.93 9.35 34.84
CA THR D 91 -26.59 9.26 35.44
C THR D 91 -26.69 8.99 36.95
N GLY D 92 -27.72 9.55 37.62
CA GLY D 92 -27.95 9.21 39.02
C GLY D 92 -28.14 7.74 39.30
N LYS D 93 -28.68 6.99 38.33
CA LYS D 93 -28.87 5.54 38.47
C LYS D 93 -27.71 4.73 37.93
N GLY D 94 -26.55 5.37 37.72
CA GLY D 94 -25.34 4.69 37.33
C GLY D 94 -25.13 4.52 35.84
N ALA D 95 -26.03 5.04 34.99
CA ALA D 95 -25.96 4.81 33.55
C ALA D 95 -25.41 6.02 32.82
N HIS D 96 -24.84 5.78 31.64
CA HIS D 96 -24.42 6.86 30.75
C HIS D 96 -25.64 7.48 30.07
N ALA D 97 -25.65 8.80 29.97
CA ALA D 97 -26.63 9.52 29.17
C ALA D 97 -25.88 10.33 28.14
N VAL D 98 -26.17 10.12 26.87
CA VAL D 98 -25.47 10.85 25.83
C VAL D 98 -26.35 11.99 25.35
N VAL D 99 -25.78 13.20 25.38
CA VAL D 99 -26.41 14.49 25.06
C VAL D 99 -26.42 14.66 23.53
N ASP D 100 -27.61 14.56 22.91
CA ASP D 100 -27.77 14.43 21.45
C ASP D 100 -28.55 15.61 20.87
N PRO D 101 -27.84 16.70 20.39
CA PRO D 101 -28.52 17.73 19.58
C PRO D 101 -28.98 17.14 18.25
N HIS D 102 -30.29 16.87 18.18
CA HIS D 102 -30.90 16.09 17.09
C HIS D 102 -31.23 17.02 15.91
N ASN D 103 -30.19 17.47 15.21
CA ASN D 103 -30.38 18.63 14.35
C ASN D 103 -29.90 18.48 12.91
N PHE D 104 -29.22 17.40 12.54
CA PHE D 104 -28.88 17.13 11.14
C PHE D 104 -28.00 18.22 10.59
N GLY D 105 -26.99 18.61 11.39
CA GLY D 105 -26.05 19.66 11.03
C GLY D 105 -26.66 20.98 10.65
N ARG D 106 -27.88 21.27 11.11
CA ARG D 106 -28.61 22.44 10.65
C ARG D 106 -29.22 23.16 11.84
N TYR D 107 -29.25 24.49 11.75
CA TYR D 107 -29.76 25.35 12.82
C TYR D 107 -30.76 26.31 12.24
N TYR D 108 -32.02 26.24 12.73
CA TYR D 108 -33.17 26.92 12.14
C TYR D 108 -33.34 26.60 10.65
N GLY D 109 -32.86 25.44 10.22
CA GLY D 109 -32.97 25.01 8.85
C GLY D 109 -31.74 25.24 8.00
N THR D 110 -30.86 26.11 8.42
CA THR D 110 -29.72 26.36 7.54
C THR D 110 -28.54 25.51 7.99
N PRO D 111 -27.89 24.77 7.09
CA PRO D 111 -26.75 23.94 7.49
C PRO D 111 -25.71 24.79 8.19
N ILE D 112 -25.28 24.30 9.35
CA ILE D 112 -24.31 25.03 10.16
C ILE D 112 -22.98 25.07 9.44
N SER D 113 -22.37 26.27 9.38
CA SER D 113 -21.13 26.46 8.66
C SER D 113 -20.14 27.35 9.40
N SER D 114 -20.35 27.60 10.69
CA SER D 114 -19.45 28.40 11.50
C SER D 114 -18.85 27.49 12.57
N THR D 115 -17.60 27.06 12.38
CA THR D 115 -16.98 26.27 13.45
C THR D 115 -16.85 27.07 14.76
N SER D 116 -16.74 28.39 14.67
CA SER D 116 -16.65 29.13 15.92
C SER D 116 -17.99 29.22 16.61
N ASP D 117 -19.09 29.37 15.87
CA ASP D 117 -20.37 29.40 16.56
C ASP D 117 -20.74 28.01 17.06
N PHE D 118 -20.30 26.99 16.36
CA PHE D 118 -20.55 25.64 16.83
C PHE D 118 -19.80 25.37 18.12
N GLN D 119 -18.52 25.77 18.18
CA GLN D 119 -17.75 25.62 19.42
C GLN D 119 -18.40 26.38 20.57
N THR D 120 -18.85 27.60 20.32
CA THR D 120 -19.51 28.39 21.35
C THR D 120 -20.78 27.69 21.84
N PHE D 121 -21.53 27.07 20.94
CA PHE D 121 -22.71 26.30 21.35
C PHE D 121 -22.32 25.14 22.26
N TRP D 122 -21.23 24.44 21.95
CA TRP D 122 -20.90 23.23 22.66
C TRP D 122 -20.32 23.51 24.04
N SER D 123 -19.57 24.62 24.14
CA SER D 123 -19.08 25.08 25.43
C SER D 123 -20.22 25.51 26.33
N THR D 124 -21.15 26.32 25.81
CA THR D 124 -22.31 26.73 26.62
C THR D 124 -23.03 25.53 27.19
N LEU D 125 -23.22 24.49 26.38
CA LEU D 125 -23.91 23.27 26.82
C LEU D 125 -23.02 22.42 27.70
N ALA D 126 -21.87 21.98 27.15
CA ALA D 126 -21.02 21.08 27.91
C ALA D 126 -20.60 21.66 29.26
N SER D 127 -20.64 22.98 29.42
CA SER D 127 -20.29 23.57 30.72
C SER D 127 -21.30 23.20 31.80
N GLN D 128 -22.53 22.90 31.41
CA GLN D 128 -23.56 22.52 32.36
C GLN D 128 -23.49 21.05 32.76
N PHE D 129 -22.59 20.27 32.15
CA PHE D 129 -22.39 18.86 32.51
C PHE D 129 -20.91 18.56 32.69
N LYS D 130 -20.10 19.59 32.96
CA LYS D 130 -18.66 19.43 33.00
C LYS D 130 -18.22 18.43 34.07
N SER D 131 -18.91 18.39 35.22
CA SER D 131 -18.52 17.55 36.35
C SER D 131 -19.15 16.16 36.36
N ASN D 132 -20.16 15.89 35.53
CA ASN D 132 -20.87 14.60 35.53
C ASN D 132 -20.16 13.66 34.57
N ASP D 133 -19.37 12.72 35.12
CA ASP D 133 -18.52 11.89 34.26
C ASP D 133 -19.29 10.82 33.50
N LEU D 134 -20.57 10.62 33.82
CA LEU D 134 -21.39 9.67 33.10
C LEU D 134 -22.02 10.23 31.85
N VAL D 135 -21.87 11.50 31.58
CA VAL D 135 -22.52 12.08 30.42
C VAL D 135 -21.62 11.88 29.21
N ILE D 136 -22.23 11.63 28.04
CA ILE D 136 -21.54 11.50 26.77
C ILE D 136 -22.05 12.60 25.84
N PHE D 137 -21.14 13.22 25.10
CA PHE D 137 -21.48 14.31 24.20
C PHE D 137 -21.51 13.84 22.76
N ASP D 138 -22.63 14.11 22.08
CA ASP D 138 -22.89 13.67 20.72
C ASP D 138 -22.95 14.93 19.88
N THR D 139 -21.90 15.17 19.07
CA THR D 139 -21.68 16.49 18.47
C THR D 139 -22.91 16.99 17.72
N ASN D 140 -23.53 16.11 16.93
CA ASN D 140 -24.80 16.36 16.24
C ASN D 140 -25.29 15.03 15.69
N ASN D 141 -26.61 14.92 15.52
CA ASN D 141 -27.24 13.71 15.01
C ASN D 141 -27.35 13.79 13.48
N GLU D 142 -26.68 12.88 12.78
CA GLU D 142 -26.94 12.61 11.36
C GLU D 142 -26.72 13.85 10.49
N TYR D 143 -25.44 14.25 10.41
CA TYR D 143 -25.03 15.19 9.37
C TYR D 143 -25.37 14.59 8.01
N HIS D 144 -26.05 15.36 7.17
CA HIS D 144 -26.31 14.91 5.80
C HIS D 144 -26.28 16.12 4.87
N ASP D 145 -26.11 15.84 3.58
CA ASP D 145 -26.21 16.80 2.48
C ASP D 145 -25.46 18.12 2.77
N MET D 146 -24.18 17.95 3.11
CA MET D 146 -23.24 19.00 3.46
C MET D 146 -21.87 18.56 2.96
N ASP D 147 -20.94 19.50 2.87
CA ASP D 147 -19.61 19.12 2.43
C ASP D 147 -18.92 18.35 3.54
N GLU D 148 -18.15 17.33 3.16
CA GLU D 148 -17.42 16.53 4.12
C GLU D 148 -16.49 17.40 4.97
N SER D 149 -15.85 18.39 4.34
CA SER D 149 -14.89 19.24 5.05
C SER D 149 -15.57 19.96 6.21
N VAL D 150 -16.71 20.58 5.94
CA VAL D 150 -17.50 21.24 6.98
C VAL D 150 -17.85 20.28 8.11
N VAL D 151 -18.43 19.12 7.75
CA VAL D 151 -18.85 18.17 8.77
C VAL D 151 -17.68 17.84 9.70
N VAL D 152 -16.58 17.34 9.11
CA VAL D 152 -15.41 16.99 9.92
C VAL D 152 -14.98 18.17 10.78
N ALA D 153 -15.03 19.38 10.22
CA ALA D 153 -14.58 20.55 10.97
C ALA D 153 -15.53 20.87 12.11
N LEU D 154 -16.82 20.57 11.93
CA LEU D 154 -17.78 20.82 12.99
C LEU D 154 -17.59 19.85 14.17
N ASN D 155 -17.26 18.59 13.86
CA ASN D 155 -16.98 17.62 14.92
C ASN D 155 -15.77 18.04 15.72
N GLN D 156 -14.70 18.47 15.05
CA GLN D 156 -13.53 18.99 15.77
C GLN D 156 -13.90 20.22 16.58
N ALA D 157 -14.69 21.12 16.00
CA ALA D 157 -15.20 22.28 16.76
C ALA D 157 -15.96 21.85 18.02
N ALA D 158 -16.80 20.81 17.91
CA ALA D 158 -17.57 20.36 19.07
C ALA D 158 -16.65 19.88 20.17
N ILE D 159 -15.69 19.02 19.80
CA ILE D 159 -14.69 18.51 20.74
C ILE D 159 -13.97 19.66 21.44
N ASP D 160 -13.54 20.67 20.67
CA ASP D 160 -12.82 21.79 21.25
C ASP D 160 -13.70 22.56 22.24
N GLY D 161 -14.92 22.90 21.82
CA GLY D 161 -15.84 23.58 22.72
C GLY D 161 -16.14 22.80 23.99
N ILE D 162 -16.20 21.47 23.89
CA ILE D 162 -16.51 20.65 25.07
C ILE D 162 -15.32 20.62 26.02
N ARG D 163 -14.13 20.34 25.49
CA ARG D 163 -12.93 20.26 26.34
C ARG D 163 -12.63 21.61 27.01
N ASP D 164 -12.61 22.68 26.20
CA ASP D 164 -12.34 24.02 26.72
C ASP D 164 -13.35 24.45 27.80
N ALA D 165 -14.54 23.86 27.80
CA ALA D 165 -15.50 24.09 28.86
C ALA D 165 -15.11 23.41 30.16
N GLY D 166 -14.01 22.67 30.14
CA GLY D 166 -13.61 21.89 31.28
C GLY D 166 -14.37 20.58 31.41
N ALA D 167 -15.12 20.18 30.39
CA ALA D 167 -15.75 18.87 30.38
C ALA D 167 -14.75 17.93 29.73
N THR D 168 -13.83 17.40 30.52
CA THR D 168 -12.66 16.71 29.97
C THR D 168 -12.65 15.20 30.20
N THR D 169 -13.58 14.67 30.97
CA THR D 169 -13.59 13.24 31.29
C THR D 169 -14.70 12.46 30.60
N GLN D 170 -15.49 13.13 29.77
CA GLN D 170 -16.65 12.53 29.14
C GLN D 170 -16.27 12.06 27.72
N TYR D 171 -16.79 10.90 27.34
CA TYR D 171 -16.69 10.45 25.96
C TYR D 171 -17.37 11.46 25.05
N ILE D 172 -16.82 11.65 23.85
CA ILE D 172 -17.48 12.42 22.80
C ILE D 172 -17.84 11.47 21.66
N PHE D 173 -19.11 11.44 21.29
CA PHE D 173 -19.57 10.67 20.14
C PHE D 173 -19.53 11.59 18.92
N VAL D 174 -18.67 11.27 17.96
CA VAL D 174 -18.62 11.99 16.70
C VAL D 174 -19.46 11.22 15.69
N GLU D 175 -19.94 11.95 14.69
CA GLU D 175 -20.92 11.45 13.73
C GLU D 175 -20.55 11.95 12.35
N GLY D 176 -20.77 11.11 11.34
CA GLY D 176 -20.33 11.42 10.01
C GLY D 176 -21.43 12.03 9.17
N ASN D 177 -21.04 12.41 7.95
CA ASN D 177 -21.94 12.79 6.89
C ASN D 177 -22.83 11.62 6.51
N ALA D 178 -23.81 11.84 5.63
CA ALA D 178 -24.66 10.79 5.07
C ALA D 178 -25.38 10.02 6.18
N TYR D 179 -25.94 10.78 7.12
CA TYR D 179 -26.71 10.26 8.25
C TYR D 179 -25.84 9.40 9.18
N SER D 180 -24.53 9.62 9.14
CA SER D 180 -23.55 8.78 9.82
C SER D 180 -23.85 7.30 9.63
N GLY D 181 -24.36 6.93 8.46
CA GLY D 181 -24.70 5.54 8.21
C GLY D 181 -23.45 4.68 8.16
N ALA D 182 -23.57 3.44 8.65
CA ALA D 182 -22.42 2.56 8.66
C ALA D 182 -22.18 1.94 7.29
N TRP D 183 -23.23 1.70 6.51
CA TRP D 183 -23.05 1.09 5.19
C TRP D 183 -22.43 2.06 4.19
N THR D 184 -22.54 3.36 4.43
CA THR D 184 -21.93 4.34 3.55
C THR D 184 -20.68 4.98 4.14
N TRP D 185 -20.17 4.46 5.25
CA TRP D 185 -19.11 5.17 5.97
C TRP D 185 -17.85 5.32 5.12
N THR D 186 -17.43 4.23 4.48
CA THR D 186 -16.24 4.27 3.64
C THR D 186 -16.43 5.14 2.40
N THR D 187 -17.67 5.43 2.00
CA THR D 187 -17.94 6.21 0.80
C THR D 187 -17.86 7.72 1.06
N TYR D 188 -18.26 8.16 2.25
CA TYR D 188 -18.31 9.58 2.54
C TYR D 188 -17.51 9.99 3.77
N ASN D 189 -17.30 9.07 4.71
CA ASN D 189 -16.79 9.50 6.00
C ASN D 189 -15.46 8.86 6.33
N THR D 190 -14.52 8.89 5.39
CA THR D 190 -13.18 8.44 5.70
C THR D 190 -12.33 9.56 6.25
N ALA D 191 -12.61 10.80 5.86
CA ALA D 191 -11.87 11.95 6.34
C ALA D 191 -12.16 12.19 7.83
N MET D 192 -12.89 11.28 8.48
CA MET D 192 -13.21 11.41 9.90
C MET D 192 -12.13 10.85 10.81
N VAL D 193 -11.06 10.26 10.26
CA VAL D 193 -9.92 9.87 11.09
C VAL D 193 -9.22 11.09 11.69
N ASN D 194 -9.21 12.20 10.96
CA ASN D 194 -8.43 13.38 11.30
C ASN D 194 -8.89 14.05 12.60
N LEU D 195 -9.99 13.61 13.21
CA LEU D 195 -10.48 14.21 14.44
C LEU D 195 -9.59 13.84 15.62
N THR D 196 -9.24 14.84 16.43
CA THR D 196 -8.42 14.63 17.61
C THR D 196 -9.14 15.07 18.87
N ASP D 197 -8.63 14.64 19.99
CA ASP D 197 -9.23 14.98 21.26
C ASP D 197 -8.15 14.85 22.31
N PRO D 198 -7.82 15.94 23.04
CA PRO D 198 -6.76 15.84 24.06
C PRO D 198 -7.04 14.79 25.11
N SER D 199 -8.30 14.62 25.52
CA SER D 199 -8.65 13.56 26.47
C SER D 199 -8.62 12.18 25.83
N ASP D 200 -8.60 12.09 24.49
CA ASP D 200 -8.47 10.81 23.80
C ASP D 200 -9.68 9.91 24.02
N LEU D 201 -10.89 10.49 23.99
CA LEU D 201 -12.12 9.79 24.33
C LEU D 201 -13.16 9.84 23.21
N ILE D 202 -12.68 9.85 21.95
CA ILE D 202 -13.56 9.90 20.79
C ILE D 202 -14.11 8.51 20.52
N VAL D 203 -15.41 8.42 20.22
CA VAL D 203 -16.02 7.22 19.68
C VAL D 203 -16.85 7.61 18.46
N TYR D 204 -16.73 6.83 17.39
CA TYR D 204 -17.39 7.13 16.12
C TYR D 204 -18.79 6.53 16.13
N GLU D 205 -19.82 7.37 16.26
CA GLU D 205 -21.18 6.89 16.32
C GLU D 205 -21.73 6.75 14.90
N MET D 206 -22.12 5.53 14.56
CA MET D 206 -22.75 5.26 13.28
C MET D 206 -24.15 4.74 13.54
N HIS D 207 -24.99 4.88 12.54
CA HIS D 207 -26.36 4.39 12.57
C HIS D 207 -26.50 3.29 11.52
N GLN D 208 -27.43 2.35 11.75
CA GLN D 208 -27.77 1.39 10.70
C GLN D 208 -29.20 0.92 10.86
N TYR D 209 -29.98 1.06 9.79
CA TYR D 209 -31.30 0.47 9.60
C TYR D 209 -31.24 -0.57 8.49
N LEU D 210 -32.29 -1.37 8.37
CA LEU D 210 -32.23 -2.57 7.55
C LEU D 210 -33.26 -2.61 6.43
N ASP D 211 -34.20 -1.67 6.39
CA ASP D 211 -35.04 -1.52 5.21
C ASP D 211 -34.19 -1.12 4.00
N SER D 212 -34.83 -1.05 2.84
CA SER D 212 -34.10 -0.99 1.56
C SER D 212 -33.25 0.28 1.43
N ASP D 213 -33.84 1.46 1.64
CA ASP D 213 -33.12 2.72 1.55
C ASP D 213 -32.32 3.04 2.82
N GLY D 214 -32.46 2.24 3.88
CA GLY D 214 -31.69 2.45 5.10
C GLY D 214 -32.26 3.50 6.05
N SER D 215 -33.40 4.10 5.71
CA SER D 215 -33.99 5.21 6.45
C SER D 215 -34.67 4.80 7.75
N GLY D 216 -34.78 3.50 8.03
CA GLY D 216 -35.52 3.02 9.18
C GLY D 216 -36.88 3.67 9.30
N THR D 217 -37.67 3.60 8.22
CA THR D 217 -39.08 4.01 8.27
C THR D 217 -40.02 2.85 7.95
N SER D 218 -39.50 1.63 7.79
CA SER D 218 -40.32 0.49 7.44
C SER D 218 -40.01 -0.66 8.38
N ASP D 219 -41.01 -1.52 8.56
CA ASP D 219 -40.88 -2.71 9.41
C ASP D 219 -40.32 -3.90 8.66
N GLN D 220 -39.98 -3.74 7.38
CA GLN D 220 -39.52 -4.83 6.51
C GLN D 220 -38.02 -4.72 6.30
N CYS D 221 -37.31 -5.80 6.56
CA CYS D 221 -35.90 -5.85 6.26
C CYS D 221 -35.68 -6.41 4.87
N VAL D 222 -34.54 -6.06 4.27
CA VAL D 222 -34.25 -6.51 2.91
C VAL D 222 -33.96 -8.00 2.90
N SER D 223 -33.21 -8.47 3.89
CA SER D 223 -32.94 -9.88 4.06
C SER D 223 -32.57 -10.12 5.51
N SER D 224 -32.23 -11.37 5.82
CA SER D 224 -31.86 -11.78 7.16
C SER D 224 -30.34 -11.73 7.36
N THR D 225 -29.61 -11.29 6.35
CA THR D 225 -28.18 -11.03 6.48
C THR D 225 -27.87 -9.56 6.25
N VAL D 226 -28.89 -8.71 6.08
CA VAL D 226 -28.65 -7.35 5.60
C VAL D 226 -27.93 -6.52 6.66
N GLY D 227 -28.18 -6.82 7.96
CA GLY D 227 -27.50 -6.09 9.01
C GLY D 227 -26.02 -6.42 9.07
N GLN D 228 -25.70 -7.71 9.10
CA GLN D 228 -24.32 -8.14 9.04
C GLN D 228 -23.61 -7.50 7.85
N GLU D 229 -24.24 -7.55 6.67
CA GLU D 229 -23.63 -7.02 5.45
C GLU D 229 -23.35 -5.53 5.57
N ARG D 230 -24.30 -4.77 6.12
CA ARG D 230 -24.20 -3.32 6.15
C ARG D 230 -23.16 -2.80 7.14
N VAL D 231 -22.54 -3.66 7.96
CA VAL D 231 -21.64 -3.14 8.98
C VAL D 231 -20.22 -3.71 8.85
N VAL D 232 -19.91 -4.39 7.74
CA VAL D 232 -18.59 -4.99 7.63
C VAL D 232 -17.54 -3.95 7.25
N ASP D 233 -17.84 -3.11 6.26
CA ASP D 233 -16.85 -2.12 5.87
C ASP D 233 -16.62 -1.09 6.97
N ALA D 234 -17.64 -0.80 7.78
CA ALA D 234 -17.45 0.08 8.91
C ALA D 234 -16.53 -0.57 9.95
N THR D 235 -16.75 -1.84 10.23
CA THR D 235 -15.91 -2.55 11.19
C THR D 235 -14.46 -2.60 10.71
N THR D 236 -14.25 -2.82 9.42
CA THR D 236 -12.90 -2.87 8.89
C THR D 236 -12.22 -1.51 9.01
N TRP D 237 -12.95 -0.44 8.76
CA TRP D 237 -12.38 0.90 8.86
C TRP D 237 -11.94 1.19 10.30
N LEU D 238 -12.82 0.94 11.27
CA LEU D 238 -12.46 1.16 12.66
C LEU D 238 -11.22 0.37 13.03
N GLN D 239 -11.11 -0.88 12.56
CA GLN D 239 -9.97 -1.70 12.92
C GLN D 239 -8.70 -1.29 12.15
N SER D 240 -8.83 -0.90 10.89
CA SER D 240 -7.65 -0.43 10.17
C SER D 240 -7.08 0.82 10.83
N ASN D 241 -7.91 1.85 10.97
CA ASN D 241 -7.45 3.12 11.49
C ASN D 241 -7.17 3.08 12.98
N GLY D 242 -7.62 2.04 13.67
CA GLY D 242 -7.44 1.99 15.10
C GLY D 242 -8.45 2.78 15.88
N LYS D 243 -9.62 3.02 15.31
CA LYS D 243 -10.65 3.79 15.98
C LYS D 243 -11.59 2.88 16.78
N LEU D 244 -12.53 3.52 17.47
CA LEU D 244 -13.61 2.84 18.16
C LEU D 244 -14.94 3.37 17.64
N GLY D 245 -15.96 2.52 17.68
CA GLY D 245 -17.27 2.89 17.21
C GLY D 245 -18.35 2.38 18.13
N ILE D 246 -19.51 3.03 18.04
CA ILE D 246 -20.74 2.62 18.71
C ILE D 246 -21.88 2.78 17.70
N LEU D 247 -22.81 1.82 17.69
CA LEU D 247 -23.96 1.89 16.80
C LEU D 247 -25.08 2.59 17.53
N GLY D 248 -25.10 3.93 17.44
CA GLY D 248 -25.98 4.75 18.27
C GLY D 248 -27.44 4.69 17.89
N GLU D 249 -27.75 4.16 16.71
CA GLU D 249 -29.12 3.89 16.30
C GLU D 249 -29.14 2.60 15.50
N PHE D 250 -30.15 1.78 15.77
CA PHE D 250 -30.48 0.64 14.93
C PHE D 250 -31.87 0.15 15.34
N ALA D 251 -32.53 -0.56 14.41
CA ALA D 251 -33.88 -1.07 14.65
C ALA D 251 -34.30 -2.04 13.54
N GLY D 252 -35.23 -2.94 13.91
CA GLY D 252 -35.80 -3.88 12.97
C GLY D 252 -37.27 -4.05 13.23
N GLY D 253 -37.95 -4.66 12.28
CA GLY D 253 -39.37 -4.86 12.42
C GLY D 253 -39.68 -6.09 13.23
N ALA D 254 -40.89 -6.15 13.77
CA ALA D 254 -41.35 -7.31 14.52
C ALA D 254 -41.70 -8.41 13.53
N ASN D 255 -40.67 -9.13 13.12
CA ASN D 255 -40.80 -10.32 12.27
C ASN D 255 -39.45 -11.04 12.28
N SER D 256 -39.46 -12.29 11.82
CA SER D 256 -38.29 -13.14 11.98
C SER D 256 -37.15 -12.75 11.06
N VAL D 257 -37.44 -12.35 9.82
CA VAL D 257 -36.36 -11.95 8.93
C VAL D 257 -35.60 -10.77 9.52
N CYS D 258 -36.34 -9.76 9.99
CA CYS D 258 -35.71 -8.62 10.65
C CYS D 258 -34.97 -9.04 11.92
N GLU D 259 -35.62 -9.85 12.76
CA GLU D 259 -34.98 -10.27 14.00
C GLU D 259 -33.66 -11.02 13.73
N GLU D 260 -33.66 -11.88 12.70
CA GLU D 260 -32.46 -12.64 12.35
C GLU D 260 -31.38 -11.72 11.80
N ALA D 261 -31.78 -10.63 11.14
CA ALA D 261 -30.81 -9.69 10.61
C ALA D 261 -30.24 -8.80 11.70
N VAL D 262 -31.08 -8.39 12.66
CA VAL D 262 -30.58 -7.73 13.86
C VAL D 262 -29.68 -8.69 14.64
N GLU D 263 -30.16 -9.91 14.86
CA GLU D 263 -29.39 -10.87 15.64
C GLU D 263 -28.04 -11.14 15.01
N GLY D 264 -28.00 -11.26 13.68
CA GLY D 264 -26.74 -11.56 13.02
C GLY D 264 -25.80 -10.36 12.99
N MET D 265 -26.37 -9.16 12.88
CA MET D 265 -25.56 -7.94 12.91
C MET D 265 -24.91 -7.75 14.27
N LEU D 266 -25.71 -7.81 15.35
CA LEU D 266 -25.14 -7.78 16.68
C LEU D 266 -24.15 -8.91 16.89
N ASP D 267 -24.41 -10.08 16.31
CA ASP D 267 -23.43 -11.16 16.33
C ASP D 267 -22.11 -10.71 15.71
N TYR D 268 -22.19 -9.99 14.58
CA TYR D 268 -20.97 -9.55 13.93
C TYR D 268 -20.26 -8.48 14.74
N LEU D 269 -21.04 -7.55 15.31
CA LEU D 269 -20.43 -6.50 16.12
C LEU D 269 -19.80 -7.08 17.36
N ALA D 270 -20.49 -8.01 18.03
CA ALA D 270 -19.96 -8.62 19.25
C ALA D 270 -18.63 -9.31 18.98
N GLU D 271 -18.54 -10.10 17.91
CA GLU D 271 -17.27 -10.72 17.56
C GLU D 271 -16.17 -9.72 17.28
N ASN D 272 -16.50 -8.52 16.82
CA ASN D 272 -15.52 -7.45 16.65
C ASN D 272 -15.58 -6.49 17.84
N SER D 273 -15.60 -7.08 19.05
CA SER D 273 -15.76 -6.34 20.30
C SER D 273 -14.68 -5.31 20.51
N ASP D 274 -13.52 -5.48 19.88
CA ASP D 274 -12.38 -4.60 20.06
C ASP D 274 -12.54 -3.24 19.36
N VAL D 275 -13.57 -3.07 18.52
CA VAL D 275 -13.86 -1.75 17.93
C VAL D 275 -15.24 -1.27 18.37
N TRP D 276 -16.16 -2.20 18.59
CA TRP D 276 -17.56 -1.89 18.76
C TRP D 276 -17.86 -1.89 20.25
N LEU D 277 -18.09 -0.70 20.80
CA LEU D 277 -18.28 -0.57 22.23
C LEU D 277 -19.70 -0.87 22.66
N GLY D 278 -20.60 -1.12 21.73
CA GLY D 278 -21.95 -1.48 22.08
C GLY D 278 -22.93 -0.85 21.11
N ALA D 279 -24.19 -0.80 21.53
CA ALA D 279 -25.26 -0.36 20.63
C ALA D 279 -26.37 0.29 21.43
N SER D 280 -27.21 1.04 20.71
CA SER D 280 -28.40 1.67 21.27
C SER D 280 -29.56 1.57 20.29
N TRP D 281 -30.71 1.15 20.78
CA TRP D 281 -31.88 0.89 19.95
C TRP D 281 -32.62 2.18 19.64
N TRP D 282 -33.23 2.24 18.46
CA TRP D 282 -34.12 3.32 18.11
C TRP D 282 -35.54 2.79 18.01
N SER D 283 -36.44 3.22 18.92
CA SER D 283 -36.19 4.16 20.01
C SER D 283 -37.25 3.93 21.09
N ALA D 284 -36.96 4.37 22.32
CA ALA D 284 -37.89 4.43 23.43
C ALA D 284 -38.44 5.85 23.56
N GLY D 285 -39.40 6.03 24.48
CA GLY D 285 -40.00 7.34 24.67
C GLY D 285 -41.51 7.31 24.84
N PRO D 286 -42.08 8.34 25.46
CA PRO D 286 -43.49 8.24 25.90
C PRO D 286 -44.53 8.61 24.86
N TRP D 287 -44.14 9.05 23.66
CA TRP D 287 -45.11 9.47 22.64
C TRP D 287 -45.04 8.62 21.37
N TRP D 288 -44.34 7.49 21.40
CA TRP D 288 -44.23 6.64 20.23
C TRP D 288 -45.52 5.90 19.90
N GLN D 289 -46.35 5.61 20.90
CA GLN D 289 -47.55 4.82 20.69
C GLN D 289 -47.24 3.54 19.92
N ASP D 290 -47.88 3.39 18.76
CA ASP D 290 -47.86 2.17 17.97
C ASP D 290 -46.67 2.09 17.03
N TYR D 291 -45.65 2.89 17.27
CA TYR D 291 -44.49 2.99 16.40
C TYR D 291 -43.80 1.64 16.27
N ILE D 292 -43.38 1.33 15.03
CA ILE D 292 -42.85 0.00 14.72
C ILE D 292 -41.59 -0.35 15.50
N TYR D 293 -40.86 0.65 15.97
CA TYR D 293 -39.59 0.41 16.65
C TYR D 293 -39.65 0.72 18.15
N SER D 294 -40.83 1.02 18.68
CA SER D 294 -40.93 1.57 20.03
C SER D 294 -40.45 0.57 21.09
N MET D 295 -39.37 0.92 21.78
CA MET D 295 -38.85 0.14 22.88
C MET D 295 -39.45 0.55 24.21
N GLU D 296 -40.50 1.37 24.17
CA GLU D 296 -41.07 1.90 25.39
C GLU D 296 -41.96 0.86 26.09
N PRO D 297 -41.69 0.52 27.36
CA PRO D 297 -42.57 -0.40 28.06
C PRO D 297 -43.83 0.32 28.49
N PRO D 298 -44.93 -0.41 28.73
CA PRO D 298 -45.03 -1.88 28.72
C PRO D 298 -45.36 -2.53 27.36
N ASN D 299 -45.99 -1.80 26.44
CA ASN D 299 -46.56 -2.41 25.25
C ASN D 299 -46.02 -1.79 23.96
N GLY D 300 -44.73 -1.46 23.94
CA GLY D 300 -44.08 -1.02 22.72
C GLY D 300 -43.66 -2.22 21.89
N ILE D 301 -43.82 -2.10 20.56
CA ILE D 301 -43.70 -3.27 19.69
C ILE D 301 -42.30 -3.87 19.78
N ALA D 302 -41.27 -3.02 19.79
CA ALA D 302 -39.90 -3.53 19.90
C ALA D 302 -39.67 -4.12 21.28
N TYR D 303 -40.22 -3.49 22.31
CA TYR D 303 -40.12 -3.98 23.68
C TYR D 303 -40.53 -5.44 23.74
N GLU D 304 -41.75 -5.73 23.29
CA GLU D 304 -42.26 -7.09 23.21
C GLU D 304 -41.31 -8.01 22.46
N SER D 305 -40.97 -7.60 21.23
CA SER D 305 -40.28 -8.40 20.23
C SER D 305 -38.76 -8.47 20.38
N TYR D 306 -38.08 -7.34 20.63
CA TYR D 306 -36.63 -7.35 20.55
C TYR D 306 -35.94 -7.32 21.90
N LEU D 307 -36.54 -6.70 22.91
CA LEU D 307 -35.88 -6.63 24.22
C LEU D 307 -35.45 -8.01 24.74
N PRO D 308 -36.28 -9.06 24.68
CA PRO D 308 -35.77 -10.40 25.03
C PRO D 308 -34.64 -10.88 24.15
N ILE D 309 -34.58 -10.41 22.91
CA ILE D 309 -33.46 -10.77 22.04
C ILE D 309 -32.21 -9.98 22.40
N LEU D 310 -32.35 -8.65 22.54
CA LEU D 310 -31.21 -7.82 22.94
C LEU D 310 -30.71 -8.18 24.32
N GLU D 311 -31.63 -8.50 25.24
CA GLU D 311 -31.28 -8.97 26.58
C GLU D 311 -30.10 -9.94 26.50
N THR D 312 -30.10 -10.80 25.49
CA THR D 312 -29.04 -11.80 25.29
C THR D 312 -27.66 -11.18 25.20
N TYR D 313 -27.56 -9.95 24.71
CA TYR D 313 -26.28 -9.27 24.51
C TYR D 313 -25.87 -8.40 25.70
N PHE D 314 -26.74 -8.26 26.69
CA PHE D 314 -26.51 -7.46 27.89
C PHE D 314 -25.55 -8.12 28.84
C1 NAG E . 10.66 -20.50 1.49
C2 NAG E . 11.85 -21.03 0.72
C3 NAG E . 13.03 -20.07 0.83
C4 NAG E . 12.61 -18.66 0.43
C5 NAG E . 11.34 -18.23 1.18
C6 NAG E . 10.75 -16.94 0.70
C7 NAG E . 12.04 -23.48 0.54
C8 NAG E . 11.34 -23.37 -0.80
N2 NAG E . 12.23 -22.35 1.21
O3 NAG E . 14.07 -20.50 -0.03
O4 NAG E . 13.72 -17.84 0.80
O5 NAG E . 10.32 -19.21 1.00
O6 NAG E . 10.44 -17.01 -0.69
O7 NAG E . 12.40 -24.56 0.99
C1 NAG E . 14.40 -17.52 -0.43
C2 NAG E . 15.01 -16.19 -0.15
C3 NAG E . 15.55 -15.64 -1.44
C4 NAG E . 16.54 -16.64 -2.03
C5 NAG E . 16.14 -18.12 -1.96
C6 NAG E . 17.35 -19.00 -2.01
C7 NAG E . 13.83 -15.10 1.77
C8 NAG E . 14.74 -15.86 2.71
N2 NAG E . 14.03 -15.29 0.45
O3 NAG E . 16.29 -14.46 -1.15
O4 NAG E . 16.71 -16.31 -3.39
O5 NAG E . 15.43 -18.46 -0.76
O6 NAG E . 17.21 -20.18 -1.23
O7 NAG E . 12.93 -14.33 2.20
C1 NAG F . 21.41 -5.11 5.96
C2 NAG F . 22.35 -6.08 6.65
C3 NAG F . 21.86 -7.52 6.53
C4 NAG F . 20.39 -7.62 6.92
C5 NAG F . 19.56 -6.55 6.22
C6 NAG F . 18.10 -6.61 6.67
C7 NAG F . 24.74 -5.73 6.85
C8 NAG F . 24.55 -4.74 7.97
N2 NAG F . 23.68 -5.96 6.09
O3 NAG F . 22.64 -8.37 7.37
O4 NAG F . 19.89 -8.92 6.58
O5 NAG F . 20.09 -5.27 6.50
O6 NAG F . 18.01 -6.16 8.02
O7 NAG F . 25.82 -6.27 6.65
C1 NAG F . 19.41 -9.52 7.79
C2 NAG F . 18.37 -10.56 7.41
C3 NAG F . 17.81 -11.25 8.64
C4 NAG F . 18.93 -11.72 9.56
C5 NAG F . 19.92 -10.61 9.82
C6 NAG F . 21.09 -11.10 10.68
C7 NAG F . 17.36 -9.80 5.33
C8 NAG F . 16.17 -9.18 4.67
N2 NAG F . 17.30 -9.94 6.65
O3 NAG F . 17.01 -12.37 8.23
O4 NAG F . 18.37 -12.17 10.80
O5 NAG F . 20.43 -10.12 8.58
O6 NAG F . 22.25 -11.26 9.86
O7 NAG F . 18.34 -10.16 4.69
C1 NAG G . 12.31 18.99 -40.32
C2 NAG G . 11.66 20.33 -39.95
C3 NAG G . 12.02 21.40 -40.96
C4 NAG G . 13.53 21.52 -41.07
C5 NAG G . 14.06 20.18 -41.54
C6 NAG G . 15.56 20.13 -41.69
C7 NAG G . 9.53 20.22 -38.72
C8 NAG G . 10.32 20.36 -37.44
N2 NAG G . 10.22 20.19 -39.87
O3 NAG G . 11.44 22.65 -40.61
O4 NAG G . 13.88 22.57 -41.97
O5 NAG G . 13.74 19.18 -40.56
O6 NAG G . 16.20 20.44 -40.46
O7 NAG G . 8.31 20.11 -38.71
C1 NAG H . -44.17 6.38 32.64
C2 NAG H . -45.63 6.56 32.23
C3 NAG H . -46.54 5.78 33.18
C4 NAG H . -46.12 4.32 33.23
C5 NAG H . -44.66 4.24 33.65
C6 NAG H . -44.13 2.83 33.65
C7 NAG H . -46.24 8.66 31.10
C8 NAG H . -46.13 7.91 29.80
N2 NAG H . -46.00 7.96 32.22
O3 NAG H . -47.90 5.88 32.75
O4 NAG H . -46.92 3.62 34.18
O5 NAG H . -43.85 4.97 32.72
O6 NAG H . -44.13 2.30 32.33
O7 NAG H . -46.55 9.85 31.13
#